data_6ATL
# 
_entry.id   6ATL 
# 
_audit_conform.dict_name       mmcif_pdbx.dic 
_audit_conform.dict_version    5.399 
_audit_conform.dict_location   http://mmcif.pdb.org/dictionaries/ascii/mmcif_pdbx.dic 
# 
loop_
_database_2.database_id 
_database_2.database_code 
_database_2.pdbx_database_accession 
_database_2.pdbx_DOI 
PDB   6ATL         pdb_00006atl 10.2210/pdb6atl/pdb 
WWPDB D_1000229817 ?            ?                   
# 
loop_
_pdbx_audit_revision_history.ordinal 
_pdbx_audit_revision_history.data_content_type 
_pdbx_audit_revision_history.major_revision 
_pdbx_audit_revision_history.minor_revision 
_pdbx_audit_revision_history.revision_date 
1 'Structure model' 1 0 2018-02-28 
2 'Structure model' 1 1 2018-03-14 
3 'Structure model' 1 2 2024-11-20 
# 
_pdbx_audit_revision_details.ordinal             1 
_pdbx_audit_revision_details.revision_ordinal    1 
_pdbx_audit_revision_details.data_content_type   'Structure model' 
_pdbx_audit_revision_details.provider            repository 
_pdbx_audit_revision_details.type                'Initial release' 
_pdbx_audit_revision_details.description         ? 
_pdbx_audit_revision_details.details             ? 
# 
loop_
_pdbx_audit_revision_group.ordinal 
_pdbx_audit_revision_group.revision_ordinal 
_pdbx_audit_revision_group.data_content_type 
_pdbx_audit_revision_group.group 
1 2 'Structure model' 'Database references' 
2 3 'Structure model' 'Data collection'     
3 3 'Structure model' 'Database references' 
4 3 'Structure model' 'Structure summary'   
# 
loop_
_pdbx_audit_revision_category.ordinal 
_pdbx_audit_revision_category.revision_ordinal 
_pdbx_audit_revision_category.data_content_type 
_pdbx_audit_revision_category.category 
1 2 'Structure model' citation                  
2 2 'Structure model' citation_author           
3 3 'Structure model' chem_comp_atom            
4 3 'Structure model' chem_comp_bond            
5 3 'Structure model' database_2                
6 3 'Structure model' pdbx_entry_details        
7 3 'Structure model' pdbx_modification_feature 
# 
loop_
_pdbx_audit_revision_item.ordinal 
_pdbx_audit_revision_item.revision_ordinal 
_pdbx_audit_revision_item.data_content_type 
_pdbx_audit_revision_item.item 
1 2 'Structure model' '_citation.journal_abbrev'            
2 2 'Structure model' '_citation.journal_volume'            
3 2 'Structure model' '_citation.page_first'                
4 2 'Structure model' '_citation.page_last'                 
5 2 'Structure model' '_citation.pdbx_database_id_PubMed'   
6 2 'Structure model' '_citation.title'                     
7 2 'Structure model' '_citation_author.name'               
8 3 'Structure model' '_database_2.pdbx_DOI'                
9 3 'Structure model' '_database_2.pdbx_database_accession' 
# 
_pdbx_database_status.status_code                     REL 
_pdbx_database_status.status_code_sf                  REL 
_pdbx_database_status.status_code_mr                  ? 
_pdbx_database_status.entry_id                        6ATL 
_pdbx_database_status.recvd_initial_deposition_date   2017-08-29 
_pdbx_database_status.SG_entry                        N 
_pdbx_database_status.deposit_site                    RCSB 
_pdbx_database_status.process_site                    RCSB 
_pdbx_database_status.status_code_cs                  ? 
_pdbx_database_status.methods_development_category    ? 
_pdbx_database_status.pdb_format_compatible           Y 
_pdbx_database_status.status_code_nmr_data            ? 
# 
loop_
_audit_author.name 
_audit_author.pdbx_ordinal 
_audit_author.identifier_ORCID 
'Gewe, M.M.'   1 ? 
'Rupert, P.'   2 ? 
'Strong, R.K.' 3 ? 
# 
_citation.abstract                  ? 
_citation.abstract_id_CAS           ? 
_citation.book_id_ISBN              ? 
_citation.book_publisher            ? 
_citation.book_publisher_city       ? 
_citation.book_title                ? 
_citation.coordinate_linkage        ? 
_citation.country                   US 
_citation.database_id_Medline       ? 
_citation.details                   ? 
_citation.id                        primary 
_citation.journal_abbrev            'Nat. Struct. Mol. Biol.' 
_citation.journal_id_ASTM           ? 
_citation.journal_id_CSD            ? 
_citation.journal_id_ISSN           1545-9985 
_citation.journal_full              ? 
_citation.journal_issue             ? 
_citation.journal_volume            25 
_citation.language                  ? 
_citation.page_first                270 
_citation.page_last                 278 
_citation.title                     
'Screening, large-scale production and structure-based classification of cystine-dense peptides.' 
_citation.year                      2018 
_citation.database_id_CSD           ? 
_citation.pdbx_database_id_DOI      10.1038/s41594-018-0033-9 
_citation.pdbx_database_id_PubMed   29483648 
_citation.unpublished_flag          ? 
# 
loop_
_citation_author.citation_id 
_citation_author.name 
_citation_author.ordinal 
_citation_author.identifier_ORCID 
primary 'Correnti, C.E.'          1  ? 
primary 'Gewe, M.M.'              2  ? 
primary 'Mehlin, C.'              3  ? 
primary 'Bandaranayake, A.D.'     4  ? 
primary 'Johnsen, W.A.'           5  ? 
primary 'Rupert, P.B.'            6  ? 
primary 'Brusniak, M.Y.'          7  ? 
primary 'Clarke, M.'              8  ? 
primary 'Burke, S.E.'             9  ? 
primary 'De Van Der Schueren, W.' 10 ? 
primary 'Pilat, K.'               11 ? 
primary 'Turnbaugh, S.M.'         12 ? 
primary 'May, D.'                 13 ? 
primary 'Watson, A.'              14 ? 
primary 'Chan, M.K.'              15 ? 
primary 'Bahl, C.D.'              16 ? 
primary 'Olson, J.M.'             17 ? 
primary 'Strong, R.K.'            18 ? 
# 
loop_
_entity.id 
_entity.type 
_entity.src_method 
_entity.pdbx_description 
_entity.formula_weight 
_entity.pdbx_number_of_molecules 
_entity.pdbx_ec 
_entity.pdbx_mutation 
_entity.pdbx_fragment 
_entity.details 
1 polymer     man 'Potassium channel toxin alpha-KTx 4.2' 3935.606 2  ? ? ? ? 
2 non-polymer syn 'SULFATE ION'                           96.063   3  ? ? ? ? 
3 non-polymer syn 'CITRIC ACID'                           192.124  1  ? ? ? ? 
4 water       nat water                                   18.015   67 ? ? ? ? 
# 
_entity_name_com.entity_id   1 
_entity_name_com.name        'Neurotoxin Ts-kappa,TsKappa,Ts9' 
# 
_entity_poly.entity_id                      1 
_entity_poly.type                           'polypeptide(L)' 
_entity_poly.nstd_linkage                   no 
_entity_poly.nstd_monomer                   no 
_entity_poly.pdbx_seq_one_letter_code       GSVVIGQRCYRSPDCYSACKKLVGKATGKCTNGRCDC 
_entity_poly.pdbx_seq_one_letter_code_can   GSVVIGQRCYRSPDCYSACKKLVGKATGKCTNGRCDC 
_entity_poly.pdbx_strand_id                 A,C 
_entity_poly.pdbx_target_identifier         ? 
# 
loop_
_pdbx_entity_nonpoly.entity_id 
_pdbx_entity_nonpoly.name 
_pdbx_entity_nonpoly.comp_id 
2 'SULFATE ION' SO4 
3 'CITRIC ACID' CIT 
4 water         HOH 
# 
loop_
_entity_poly_seq.entity_id 
_entity_poly_seq.num 
_entity_poly_seq.mon_id 
_entity_poly_seq.hetero 
1 1  GLY n 
1 2  SER n 
1 3  VAL n 
1 4  VAL n 
1 5  ILE n 
1 6  GLY n 
1 7  GLN n 
1 8  ARG n 
1 9  CYS n 
1 10 TYR n 
1 11 ARG n 
1 12 SER n 
1 13 PRO n 
1 14 ASP n 
1 15 CYS n 
1 16 TYR n 
1 17 SER n 
1 18 ALA n 
1 19 CYS n 
1 20 LYS n 
1 21 LYS n 
1 22 LEU n 
1 23 VAL n 
1 24 GLY n 
1 25 LYS n 
1 26 ALA n 
1 27 THR n 
1 28 GLY n 
1 29 LYS n 
1 30 CYS n 
1 31 THR n 
1 32 ASN n 
1 33 GLY n 
1 34 ARG n 
1 35 CYS n 
1 36 ASP n 
1 37 CYS n 
# 
_entity_src_gen.entity_id                          1 
_entity_src_gen.pdbx_src_id                        1 
_entity_src_gen.pdbx_alt_source_flag               sample 
_entity_src_gen.pdbx_seq_type                      'Biological sequence' 
_entity_src_gen.pdbx_beg_seq_num                   1 
_entity_src_gen.pdbx_end_seq_num                   37 
_entity_src_gen.gene_src_common_name               'Brazilian scorpion' 
_entity_src_gen.gene_src_genus                     ? 
_entity_src_gen.pdbx_gene_src_gene                 ? 
_entity_src_gen.gene_src_species                   ? 
_entity_src_gen.gene_src_strain                    ? 
_entity_src_gen.gene_src_tissue                    ? 
_entity_src_gen.gene_src_tissue_fraction           ? 
_entity_src_gen.gene_src_details                   ? 
_entity_src_gen.pdbx_gene_src_fragment             ? 
_entity_src_gen.pdbx_gene_src_scientific_name      'Tityus serrulatus' 
_entity_src_gen.pdbx_gene_src_ncbi_taxonomy_id     6887 
_entity_src_gen.pdbx_gene_src_variant              ? 
_entity_src_gen.pdbx_gene_src_cell_line            ? 
_entity_src_gen.pdbx_gene_src_atcc                 ? 
_entity_src_gen.pdbx_gene_src_organ                ? 
_entity_src_gen.pdbx_gene_src_organelle            ? 
_entity_src_gen.pdbx_gene_src_cell                 ? 
_entity_src_gen.pdbx_gene_src_cellular_location    ? 
_entity_src_gen.host_org_common_name               ? 
_entity_src_gen.pdbx_host_org_scientific_name      'Homo sapiens' 
_entity_src_gen.pdbx_host_org_ncbi_taxonomy_id     9606 
_entity_src_gen.host_org_genus                     ? 
_entity_src_gen.pdbx_host_org_gene                 ? 
_entity_src_gen.pdbx_host_org_organ                ? 
_entity_src_gen.host_org_species                   ? 
_entity_src_gen.pdbx_host_org_tissue               ? 
_entity_src_gen.pdbx_host_org_tissue_fraction      ? 
_entity_src_gen.pdbx_host_org_strain               ? 
_entity_src_gen.pdbx_host_org_variant              ? 
_entity_src_gen.pdbx_host_org_cell_line            HEK-293F 
_entity_src_gen.pdbx_host_org_atcc                 ? 
_entity_src_gen.pdbx_host_org_culture_collection   ? 
_entity_src_gen.pdbx_host_org_cell                 ? 
_entity_src_gen.pdbx_host_org_organelle            ? 
_entity_src_gen.pdbx_host_org_cellular_location    ? 
_entity_src_gen.pdbx_host_org_vector_type          ? 
_entity_src_gen.pdbx_host_org_vector               ? 
_entity_src_gen.host_org_details                   ? 
_entity_src_gen.expression_system_id               ? 
_entity_src_gen.plasmid_name                       ? 
_entity_src_gen.plasmid_details                    ? 
_entity_src_gen.pdbx_description                   ? 
# 
loop_
_chem_comp.id 
_chem_comp.type 
_chem_comp.mon_nstd_flag 
_chem_comp.name 
_chem_comp.pdbx_synonyms 
_chem_comp.formula 
_chem_comp.formula_weight 
ALA 'L-peptide linking' y ALANINE         ? 'C3 H7 N O2'     89.093  
ARG 'L-peptide linking' y ARGININE        ? 'C6 H15 N4 O2 1' 175.209 
ASN 'L-peptide linking' y ASPARAGINE      ? 'C4 H8 N2 O3'    132.118 
ASP 'L-peptide linking' y 'ASPARTIC ACID' ? 'C4 H7 N O4'     133.103 
CIT non-polymer         . 'CITRIC ACID'   ? 'C6 H8 O7'       192.124 
CYS 'L-peptide linking' y CYSTEINE        ? 'C3 H7 N O2 S'   121.158 
GLN 'L-peptide linking' y GLUTAMINE       ? 'C5 H10 N2 O3'   146.144 
GLY 'peptide linking'   y GLYCINE         ? 'C2 H5 N O2'     75.067  
HOH non-polymer         . WATER           ? 'H2 O'           18.015  
ILE 'L-peptide linking' y ISOLEUCINE      ? 'C6 H13 N O2'    131.173 
LEU 'L-peptide linking' y LEUCINE         ? 'C6 H13 N O2'    131.173 
LYS 'L-peptide linking' y LYSINE          ? 'C6 H15 N2 O2 1' 147.195 
PRO 'L-peptide linking' y PROLINE         ? 'C5 H9 N O2'     115.130 
SER 'L-peptide linking' y SERINE          ? 'C3 H7 N O3'     105.093 
SO4 non-polymer         . 'SULFATE ION'   ? 'O4 S -2'        96.063  
THR 'L-peptide linking' y THREONINE       ? 'C4 H9 N O3'     119.119 
TYR 'L-peptide linking' y TYROSINE        ? 'C9 H11 N O3'    181.189 
VAL 'L-peptide linking' y VALINE          ? 'C5 H11 N O2'    117.146 
# 
loop_
_pdbx_poly_seq_scheme.asym_id 
_pdbx_poly_seq_scheme.entity_id 
_pdbx_poly_seq_scheme.seq_id 
_pdbx_poly_seq_scheme.mon_id 
_pdbx_poly_seq_scheme.ndb_seq_num 
_pdbx_poly_seq_scheme.pdb_seq_num 
_pdbx_poly_seq_scheme.auth_seq_num 
_pdbx_poly_seq_scheme.pdb_mon_id 
_pdbx_poly_seq_scheme.auth_mon_id 
_pdbx_poly_seq_scheme.pdb_strand_id 
_pdbx_poly_seq_scheme.pdb_ins_code 
_pdbx_poly_seq_scheme.hetero 
A 1 1  GLY 1  -1 -1 GLY GLY A . n 
A 1 2  SER 2  0  0  SER SER A . n 
A 1 3  VAL 3  1  1  VAL VAL A . n 
A 1 4  VAL 4  2  2  VAL VAL A . n 
A 1 5  ILE 5  3  3  ILE ILE A . n 
A 1 6  GLY 6  4  4  GLY GLY A . n 
A 1 7  GLN 7  5  5  GLN GLN A . n 
A 1 8  ARG 8  6  6  ARG ARG A . n 
A 1 9  CYS 9  7  7  CYS CYS A . n 
A 1 10 TYR 10 8  8  TYR TYR A . n 
A 1 11 ARG 11 9  9  ARG ARG A . n 
A 1 12 SER 12 10 10 SER SER A . n 
A 1 13 PRO 13 11 11 PRO PRO A . n 
A 1 14 ASP 14 12 12 ASP ASP A . n 
A 1 15 CYS 15 13 13 CYS CYS A . n 
A 1 16 TYR 16 14 14 TYR TYR A . n 
A 1 17 SER 17 15 15 SER SER A . n 
A 1 18 ALA 18 16 16 ALA ALA A . n 
A 1 19 CYS 19 17 17 CYS CYS A . n 
A 1 20 LYS 20 18 18 LYS LYS A . n 
A 1 21 LYS 21 19 19 LYS LYS A . n 
A 1 22 LEU 22 20 20 LEU LEU A . n 
A 1 23 VAL 23 21 21 VAL VAL A . n 
A 1 24 GLY 24 22 22 GLY GLY A . n 
A 1 25 LYS 25 23 23 LYS LYS A . n 
A 1 26 ALA 26 24 24 ALA ALA A . n 
A 1 27 THR 27 25 25 THR THR A . n 
A 1 28 GLY 28 26 26 GLY GLY A . n 
A 1 29 LYS 29 27 27 LYS LYS A . n 
A 1 30 CYS 30 28 28 CYS CYS A . n 
A 1 31 THR 31 29 29 THR THR A . n 
A 1 32 ASN 32 30 30 ASN ASN A . n 
A 1 33 GLY 33 31 31 GLY GLY A . n 
A 1 34 ARG 34 32 32 ARG ARG A . n 
A 1 35 CYS 35 33 33 CYS CYS A . n 
A 1 36 ASP 36 34 34 ASP ASP A . n 
A 1 37 CYS 37 35 35 CYS CYS A . n 
B 1 1  GLY 1  -1 ?  ?   ?   C . n 
B 1 2  SER 2  0  0  SER SER C . n 
B 1 3  VAL 3  1  1  VAL VAL C . n 
B 1 4  VAL 4  2  2  VAL VAL C . n 
B 1 5  ILE 5  3  3  ILE ILE C . n 
B 1 6  GLY 6  4  4  GLY GLY C . n 
B 1 7  GLN 7  5  5  GLN GLN C . n 
B 1 8  ARG 8  6  6  ARG ARG C . n 
B 1 9  CYS 9  7  7  CYS CYS C . n 
B 1 10 TYR 10 8  8  TYR TYR C . n 
B 1 11 ARG 11 9  9  ARG ARG C . n 
B 1 12 SER 12 10 10 SER SER C . n 
B 1 13 PRO 13 11 11 PRO PRO C . n 
B 1 14 ASP 14 12 12 ASP ASP C . n 
B 1 15 CYS 15 13 13 CYS CYS C . n 
B 1 16 TYR 16 14 14 TYR TYR C . n 
B 1 17 SER 17 15 15 SER SER C . n 
B 1 18 ALA 18 16 16 ALA ALA C . n 
B 1 19 CYS 19 17 17 CYS CYS C . n 
B 1 20 LYS 20 18 18 LYS LYS C . n 
B 1 21 LYS 21 19 19 LYS LYS C . n 
B 1 22 LEU 22 20 20 LEU LEU C . n 
B 1 23 VAL 23 21 21 VAL VAL C . n 
B 1 24 GLY 24 22 22 GLY GLY C . n 
B 1 25 LYS 25 23 23 LYS LYS C . n 
B 1 26 ALA 26 24 24 ALA ALA C . n 
B 1 27 THR 27 25 25 THR THR C . n 
B 1 28 GLY 28 26 26 GLY GLY C . n 
B 1 29 LYS 29 27 27 LYS LYS C . n 
B 1 30 CYS 30 28 28 CYS CYS C . n 
B 1 31 THR 31 29 29 THR THR C . n 
B 1 32 ASN 32 30 30 ASN ASN C . n 
B 1 33 GLY 33 31 31 GLY GLY C . n 
B 1 34 ARG 34 32 32 ARG ARG C . n 
B 1 35 CYS 35 33 33 CYS CYS C . n 
B 1 36 ASP 36 34 34 ASP ASP C . n 
B 1 37 CYS 37 35 35 CYS CYS C . n 
# 
loop_
_pdbx_nonpoly_scheme.asym_id 
_pdbx_nonpoly_scheme.entity_id 
_pdbx_nonpoly_scheme.mon_id 
_pdbx_nonpoly_scheme.ndb_seq_num 
_pdbx_nonpoly_scheme.pdb_seq_num 
_pdbx_nonpoly_scheme.auth_seq_num 
_pdbx_nonpoly_scheme.pdb_mon_id 
_pdbx_nonpoly_scheme.auth_mon_id 
_pdbx_nonpoly_scheme.pdb_strand_id 
_pdbx_nonpoly_scheme.pdb_ins_code 
C 2 SO4 1  101 1  SO4 SO4 A . 
D 3 CIT 1  102 1  CIT CIT A . 
E 2 SO4 1  101 2  SO4 SO4 C . 
F 2 SO4 1  102 3  SO4 SO4 C . 
G 4 HOH 1  201 60 HOH HOH A . 
G 4 HOH 2  202 31 HOH HOH A . 
G 4 HOH 3  203 25 HOH HOH A . 
G 4 HOH 4  204 52 HOH HOH A . 
G 4 HOH 5  205 2  HOH HOH A . 
G 4 HOH 6  206 23 HOH HOH A . 
G 4 HOH 7  207 71 HOH HOH A . 
G 4 HOH 8  208 8  HOH HOH A . 
G 4 HOH 9  209 18 HOH HOH A . 
G 4 HOH 10 210 20 HOH HOH A . 
G 4 HOH 11 211 37 HOH HOH A . 
G 4 HOH 12 212 11 HOH HOH A . 
G 4 HOH 13 213 30 HOH HOH A . 
G 4 HOH 14 214 4  HOH HOH A . 
G 4 HOH 15 215 58 HOH HOH A . 
G 4 HOH 16 216 61 HOH HOH A . 
G 4 HOH 17 217 50 HOH HOH A . 
G 4 HOH 18 218 47 HOH HOH A . 
G 4 HOH 19 219 26 HOH HOH A . 
G 4 HOH 20 220 43 HOH HOH A . 
G 4 HOH 21 221 9  HOH HOH A . 
G 4 HOH 22 222 35 HOH HOH A . 
G 4 HOH 23 223 22 HOH HOH A . 
G 4 HOH 24 224 12 HOH HOH A . 
G 4 HOH 25 225 49 HOH HOH A . 
G 4 HOH 26 226 27 HOH HOH A . 
G 4 HOH 27 227 75 HOH HOH A . 
G 4 HOH 28 228 51 HOH HOH A . 
G 4 HOH 29 229 21 HOH HOH A . 
G 4 HOH 30 230 38 HOH HOH A . 
G 4 HOH 31 231 54 HOH HOH A . 
G 4 HOH 32 232 55 HOH HOH A . 
G 4 HOH 33 233 41 HOH HOH A . 
G 4 HOH 34 234 74 HOH HOH A . 
G 4 HOH 35 235 59 HOH HOH A . 
G 4 HOH 36 236 32 HOH HOH A . 
H 4 HOH 1  201 13 HOH HOH C . 
H 4 HOH 2  202 72 HOH HOH C . 
H 4 HOH 3  203 16 HOH HOH C . 
H 4 HOH 4  204 62 HOH HOH C . 
H 4 HOH 5  205 28 HOH HOH C . 
H 4 HOH 6  206 6  HOH HOH C . 
H 4 HOH 7  207 1  HOH HOH C . 
H 4 HOH 8  208 39 HOH HOH C . 
H 4 HOH 9  209 40 HOH HOH C . 
H 4 HOH 10 210 10 HOH HOH C . 
H 4 HOH 11 211 67 HOH HOH C . 
H 4 HOH 12 212 17 HOH HOH C . 
H 4 HOH 13 213 64 HOH HOH C . 
H 4 HOH 14 214 48 HOH HOH C . 
H 4 HOH 15 215 5  HOH HOH C . 
H 4 HOH 16 216 44 HOH HOH C . 
H 4 HOH 17 217 15 HOH HOH C . 
H 4 HOH 18 218 57 HOH HOH C . 
H 4 HOH 19 219 42 HOH HOH C . 
H 4 HOH 20 220 36 HOH HOH C . 
H 4 HOH 21 221 19 HOH HOH C . 
H 4 HOH 22 222 63 HOH HOH C . 
H 4 HOH 23 223 45 HOH HOH C . 
H 4 HOH 24 224 73 HOH HOH C . 
H 4 HOH 25 225 46 HOH HOH C . 
H 4 HOH 26 226 14 HOH HOH C . 
H 4 HOH 27 227 33 HOH HOH C . 
H 4 HOH 28 228 56 HOH HOH C . 
H 4 HOH 29 229 65 HOH HOH C . 
H 4 HOH 30 230 34 HOH HOH C . 
H 4 HOH 31 231 24 HOH HOH C . 
# 
loop_
_software.citation_id 
_software.classification 
_software.compiler_name 
_software.compiler_version 
_software.contact_author 
_software.contact_author_email 
_software.date 
_software.description 
_software.dependencies 
_software.hardware 
_software.language 
_software.location 
_software.mods 
_software.name 
_software.os 
_software.os_version 
_software.type 
_software.version 
_software.pdbx_ordinal 
? refinement       ? ? ? ? ? ? ? ? ? ? ? REFMAC   ? ? ? 5.8.0158 1 
? 'data reduction' ? ? ? ? ? ? ? ? ? ? ? HKL-2000 ? ? ? .        2 
? 'data scaling'   ? ? ? ? ? ? ? ? ? ? ? HKL-2000 ? ? ? .        3 
? phasing          ? ? ? ? ? ? ? ? ? ? ? PHASER   ? ? ? .        4 
# 
_cell.angle_alpha                  90.00 
_cell.angle_alpha_esd              ? 
_cell.angle_beta                   94.36 
_cell.angle_beta_esd               ? 
_cell.angle_gamma                  90.00 
_cell.angle_gamma_esd              ? 
_cell.entry_id                     6ATL 
_cell.details                      ? 
_cell.formula_units_Z              ? 
_cell.length_a                     27.758 
_cell.length_a_esd                 ? 
_cell.length_b                     23.215 
_cell.length_b_esd                 ? 
_cell.length_c                     46.308 
_cell.length_c_esd                 ? 
_cell.volume                       ? 
_cell.volume_esd                   ? 
_cell.Z_PDB                        4 
_cell.reciprocal_angle_alpha       ? 
_cell.reciprocal_angle_beta        ? 
_cell.reciprocal_angle_gamma       ? 
_cell.reciprocal_angle_alpha_esd   ? 
_cell.reciprocal_angle_beta_esd    ? 
_cell.reciprocal_angle_gamma_esd   ? 
_cell.reciprocal_length_a          ? 
_cell.reciprocal_length_b          ? 
_cell.reciprocal_length_c          ? 
_cell.reciprocal_length_a_esd      ? 
_cell.reciprocal_length_b_esd      ? 
_cell.reciprocal_length_c_esd      ? 
_cell.pdbx_unique_axis             ? 
# 
_symmetry.entry_id                         6ATL 
_symmetry.cell_setting                     ? 
_symmetry.Int_Tables_number                4 
_symmetry.space_group_name_Hall            ? 
_symmetry.space_group_name_H-M             'P 1 21 1' 
_symmetry.pdbx_full_space_group_name_H-M   ? 
# 
_exptl.absorpt_coefficient_mu     ? 
_exptl.absorpt_correction_T_max   ? 
_exptl.absorpt_correction_T_min   ? 
_exptl.absorpt_correction_type    ? 
_exptl.absorpt_process_details    ? 
_exptl.entry_id                   6ATL 
_exptl.crystals_number            1 
_exptl.details                    ? 
_exptl.method                     'X-RAY DIFFRACTION' 
_exptl.method_details             ? 
# 
_exptl_crystal.colour                      ? 
_exptl_crystal.density_diffrn              ? 
_exptl_crystal.density_Matthews            1.89 
_exptl_crystal.density_method              ? 
_exptl_crystal.density_percent_sol         34.92 
_exptl_crystal.description                 ? 
_exptl_crystal.F_000                       ? 
_exptl_crystal.id                          1 
_exptl_crystal.preparation                 ? 
_exptl_crystal.size_max                    ? 
_exptl_crystal.size_mid                    ? 
_exptl_crystal.size_min                    ? 
_exptl_crystal.size_rad                    ? 
_exptl_crystal.colour_lustre               ? 
_exptl_crystal.colour_modifier             ? 
_exptl_crystal.colour_primary              ? 
_exptl_crystal.density_meas                ? 
_exptl_crystal.density_meas_esd            ? 
_exptl_crystal.density_meas_gt             ? 
_exptl_crystal.density_meas_lt             ? 
_exptl_crystal.density_meas_temp           ? 
_exptl_crystal.density_meas_temp_esd       ? 
_exptl_crystal.density_meas_temp_gt        ? 
_exptl_crystal.density_meas_temp_lt        ? 
_exptl_crystal.pdbx_crystal_image_url      ? 
_exptl_crystal.pdbx_crystal_image_format   ? 
_exptl_crystal.pdbx_mosaicity              ? 
_exptl_crystal.pdbx_mosaicity_esd          ? 
# 
_exptl_crystal_grow.apparatus       ? 
_exptl_crystal_grow.atmosphere      ? 
_exptl_crystal_grow.crystal_id      1 
_exptl_crystal_grow.details         ? 
_exptl_crystal_grow.method          'VAPOR DIFFUSION, SITTING DROP' 
_exptl_crystal_grow.method_ref      ? 
_exptl_crystal_grow.pH              5 
_exptl_crystal_grow.pressure        ? 
_exptl_crystal_grow.pressure_esd    ? 
_exptl_crystal_grow.seeding         ? 
_exptl_crystal_grow.seeding_ref     ? 
_exptl_crystal_grow.temp            298 
_exptl_crystal_grow.temp_details    ? 
_exptl_crystal_grow.temp_esd        ? 
_exptl_crystal_grow.time            ? 
_exptl_crystal_grow.pdbx_details    '3.15 M AmSO4, 0.1 M citric acid pH 5' 
_exptl_crystal_grow.pdbx_pH_range   ? 
# 
_diffrn.ambient_environment    ? 
_diffrn.ambient_temp           100 
_diffrn.ambient_temp_details   ? 
_diffrn.ambient_temp_esd       ? 
_diffrn.crystal_id             1 
_diffrn.crystal_support        ? 
_diffrn.crystal_treatment      ? 
_diffrn.details                ? 
_diffrn.id                     1 
_diffrn.ambient_pressure       ? 
_diffrn.ambient_pressure_esd   ? 
_diffrn.ambient_pressure_gt    ? 
_diffrn.ambient_pressure_lt    ? 
_diffrn.ambient_temp_gt        ? 
_diffrn.ambient_temp_lt        ? 
# 
_diffrn_detector.details                      ? 
_diffrn_detector.detector                     CCD 
_diffrn_detector.diffrn_id                    1 
_diffrn_detector.type                         'RIGAKU SATURN 944+' 
_diffrn_detector.area_resol_mean              ? 
_diffrn_detector.dtime                        ? 
_diffrn_detector.pdbx_frames_total            ? 
_diffrn_detector.pdbx_collection_time_total   ? 
_diffrn_detector.pdbx_collection_date         2016-03-14 
# 
_diffrn_radiation.collimation                      ? 
_diffrn_radiation.diffrn_id                        1 
_diffrn_radiation.filter_edge                      ? 
_diffrn_radiation.inhomogeneity                    ? 
_diffrn_radiation.monochromator                    'osmic varimax' 
_diffrn_radiation.polarisn_norm                    ? 
_diffrn_radiation.polarisn_ratio                   ? 
_diffrn_radiation.probe                            ? 
_diffrn_radiation.type                             ? 
_diffrn_radiation.xray_symbol                      ? 
_diffrn_radiation.wavelength_id                    1 
_diffrn_radiation.pdbx_monochromatic_or_laue_m_l   M 
_diffrn_radiation.pdbx_wavelength_list             ? 
_diffrn_radiation.pdbx_wavelength                  ? 
_diffrn_radiation.pdbx_diffrn_protocol             'SINGLE WAVELENGTH' 
_diffrn_radiation.pdbx_analyzer                    ? 
_diffrn_radiation.pdbx_scattering_type             x-ray 
# 
_diffrn_radiation_wavelength.id           1 
_diffrn_radiation_wavelength.wavelength   1.54 
_diffrn_radiation_wavelength.wt           1.0 
# 
_diffrn_source.current                     ? 
_diffrn_source.details                     ? 
_diffrn_source.diffrn_id                   1 
_diffrn_source.power                       ? 
_diffrn_source.size                        ? 
_diffrn_source.source                      'ROTATING ANODE' 
_diffrn_source.target                      ? 
_diffrn_source.type                        'RIGAKU MICROMAX-007 HF' 
_diffrn_source.voltage                     ? 
_diffrn_source.take-off_angle              ? 
_diffrn_source.pdbx_wavelength_list        1.54 
_diffrn_source.pdbx_wavelength             ? 
_diffrn_source.pdbx_synchrotron_beamline   ? 
_diffrn_source.pdbx_synchrotron_site       ? 
# 
_reflns.B_iso_Wilson_estimate            ? 
_reflns.entry_id                         6ATL 
_reflns.data_reduction_details           ? 
_reflns.data_reduction_method            ? 
_reflns.d_resolution_high                1.80 
_reflns.d_resolution_low                 50.0 
_reflns.details                          ? 
_reflns.limit_h_max                      ? 
_reflns.limit_h_min                      ? 
_reflns.limit_k_max                      ? 
_reflns.limit_k_min                      ? 
_reflns.limit_l_max                      ? 
_reflns.limit_l_min                      ? 
_reflns.number_all                       ? 
_reflns.number_obs                       11190 
_reflns.observed_criterion               ? 
_reflns.observed_criterion_F_max         ? 
_reflns.observed_criterion_F_min         ? 
_reflns.observed_criterion_I_max         ? 
_reflns.observed_criterion_I_min         ? 
_reflns.observed_criterion_sigma_F       ? 
_reflns.observed_criterion_sigma_I       ? 
_reflns.percent_possible_obs             99.9 
_reflns.R_free_details                   ? 
_reflns.Rmerge_F_all                     ? 
_reflns.Rmerge_F_obs                     ? 
_reflns.Friedel_coverage                 ? 
_reflns.number_gt                        ? 
_reflns.threshold_expression             ? 
_reflns.pdbx_redundancy                  11.6 
_reflns.pdbx_Rmerge_I_obs                0.108 
_reflns.pdbx_Rmerge_I_all                ? 
_reflns.pdbx_Rsym_value                  ? 
_reflns.pdbx_netI_over_av_sigmaI         ? 
_reflns.pdbx_netI_over_sigmaI            35.3 
_reflns.pdbx_res_netI_over_av_sigmaI_2   ? 
_reflns.pdbx_res_netI_over_sigmaI_2      ? 
_reflns.pdbx_chi_squared                 2.53 
_reflns.pdbx_scaling_rejects             ? 
_reflns.pdbx_d_res_high_opt              ? 
_reflns.pdbx_d_res_low_opt               ? 
_reflns.pdbx_d_res_opt_method            ? 
_reflns.phase_calculation_details        ? 
_reflns.pdbx_Rrim_I_all                  ? 
_reflns.pdbx_Rpim_I_all                  0.033 
_reflns.pdbx_d_opt                       ? 
_reflns.pdbx_number_measured_all         ? 
_reflns.pdbx_diffrn_id                   1 
_reflns.pdbx_ordinal                     1 
_reflns.pdbx_CC_half                     0.976 
_reflns.pdbx_R_split                     ? 
# 
_reflns_shell.d_res_high                  1.80 
_reflns_shell.d_res_low                   1.83 
_reflns_shell.meanI_over_sigI_all         ? 
_reflns_shell.meanI_over_sigI_obs         12.7 
_reflns_shell.number_measured_all         ? 
_reflns_shell.number_measured_obs         ? 
_reflns_shell.number_possible             ? 
_reflns_shell.number_unique_all           ? 
_reflns_shell.number_unique_obs           560 
_reflns_shell.percent_possible_all        100.0 
_reflns_shell.percent_possible_obs        ? 
_reflns_shell.Rmerge_F_all                ? 
_reflns_shell.Rmerge_F_obs                ? 
_reflns_shell.Rmerge_I_all                ? 
_reflns_shell.Rmerge_I_obs                0.306 
_reflns_shell.meanI_over_sigI_gt          ? 
_reflns_shell.meanI_over_uI_all           ? 
_reflns_shell.meanI_over_uI_gt            ? 
_reflns_shell.number_measured_gt          ? 
_reflns_shell.number_unique_gt            ? 
_reflns_shell.percent_possible_gt         ? 
_reflns_shell.Rmerge_F_gt                 ? 
_reflns_shell.Rmerge_I_gt                 ? 
_reflns_shell.pdbx_redundancy             11.0 
_reflns_shell.pdbx_Rsym_value             ? 
_reflns_shell.pdbx_chi_squared            2.01 
_reflns_shell.pdbx_netI_over_sigmaI_all   ? 
_reflns_shell.pdbx_netI_over_sigmaI_obs   ? 
_reflns_shell.pdbx_Rrim_I_all             ? 
_reflns_shell.pdbx_Rpim_I_all             0.095 
_reflns_shell.pdbx_rejects                ? 
_reflns_shell.pdbx_ordinal                1 
_reflns_shell.pdbx_diffrn_id              1 
_reflns_shell.pdbx_CC_half                0.976 
_reflns_shell.pdbx_R_split                ? 
# 
_refine.aniso_B[1][1]                            0.03 
_refine.aniso_B[1][2]                            0.00 
_refine.aniso_B[1][3]                            0.02 
_refine.aniso_B[2][2]                            -0.03 
_refine.aniso_B[2][3]                            0.00 
_refine.aniso_B[3][3]                            -0.01 
_refine.B_iso_max                                ? 
_refine.B_iso_mean                               18.059 
_refine.B_iso_min                                ? 
_refine.correlation_coeff_Fo_to_Fc               0.975 
_refine.correlation_coeff_Fo_to_Fc_free          0.959 
_refine.details                                  'HYDROGENS HAVE BEEN ADDED IN THE RIDING POSITIONS' 
_refine.diff_density_max                         ? 
_refine.diff_density_max_esd                     ? 
_refine.diff_density_min                         ? 
_refine.diff_density_min_esd                     ? 
_refine.diff_density_rms                         ? 
_refine.diff_density_rms_esd                     ? 
_refine.entry_id                                 6ATL 
_refine.pdbx_refine_id                           'X-RAY DIFFRACTION' 
_refine.ls_abs_structure_details                 ? 
_refine.ls_abs_structure_Flack                   ? 
_refine.ls_abs_structure_Flack_esd               ? 
_refine.ls_abs_structure_Rogers                  ? 
_refine.ls_abs_structure_Rogers_esd              ? 
_refine.ls_d_res_high                            1.80 
_refine.ls_d_res_low                             46.17 
_refine.ls_extinction_coef                       ? 
_refine.ls_extinction_coef_esd                   ? 
_refine.ls_extinction_expression                 ? 
_refine.ls_extinction_method                     ? 
_refine.ls_goodness_of_fit_all                   ? 
_refine.ls_goodness_of_fit_all_esd               ? 
_refine.ls_goodness_of_fit_obs                   ? 
_refine.ls_goodness_of_fit_obs_esd               ? 
_refine.ls_hydrogen_treatment                    ? 
_refine.ls_matrix_type                           ? 
_refine.ls_number_constraints                    ? 
_refine.ls_number_parameters                     ? 
_refine.ls_number_reflns_all                     ? 
_refine.ls_number_reflns_obs                     4080 
_refine.ls_number_reflns_R_free                  199 
_refine.ls_number_reflns_R_work                  ? 
_refine.ls_number_restraints                     ? 
_refine.ls_percent_reflns_obs                    71.84 
_refine.ls_percent_reflns_R_free                 4.7 
_refine.ls_R_factor_all                          ? 
_refine.ls_R_factor_obs                          0.13073 
_refine.ls_R_factor_R_free                       0.17283 
_refine.ls_R_factor_R_free_error                 ? 
_refine.ls_R_factor_R_free_error_details         ? 
_refine.ls_R_factor_R_work                       0.12879 
_refine.ls_R_Fsqd_factor_obs                     ? 
_refine.ls_R_I_factor_obs                        ? 
_refine.ls_redundancy_reflns_all                 ? 
_refine.ls_redundancy_reflns_obs                 ? 
_refine.ls_restrained_S_all                      ? 
_refine.ls_restrained_S_obs                      ? 
_refine.ls_shift_over_esd_max                    ? 
_refine.ls_shift_over_esd_mean                   ? 
_refine.ls_structure_factor_coef                 ? 
_refine.ls_weighting_details                     ? 
_refine.ls_weighting_scheme                      ? 
_refine.ls_wR_factor_all                         ? 
_refine.ls_wR_factor_obs                         ? 
_refine.ls_wR_factor_R_free                      ? 
_refine.ls_wR_factor_R_work                      ? 
_refine.occupancy_max                            ? 
_refine.occupancy_min                            ? 
_refine.solvent_model_details                    ? 
_refine.solvent_model_param_bsol                 ? 
_refine.solvent_model_param_ksol                 ? 
_refine.ls_R_factor_gt                           ? 
_refine.ls_goodness_of_fit_gt                    ? 
_refine.ls_goodness_of_fit_ref                   ? 
_refine.ls_shift_over_su_max                     ? 
_refine.ls_shift_over_su_max_lt                  ? 
_refine.ls_shift_over_su_mean                    ? 
_refine.ls_shift_over_su_mean_lt                 ? 
_refine.pdbx_ls_sigma_I                          ? 
_refine.pdbx_ls_sigma_F                          ? 
_refine.pdbx_ls_sigma_Fsqd                       ? 
_refine.pdbx_data_cutoff_high_absF               ? 
_refine.pdbx_data_cutoff_high_rms_absF           ? 
_refine.pdbx_data_cutoff_low_absF                ? 
_refine.pdbx_isotropic_thermal_model             ? 
_refine.pdbx_ls_cross_valid_method               THROUGHOUT 
_refine.pdbx_method_to_determine_struct          SAD 
_refine.pdbx_starting_model                      ? 
_refine.pdbx_stereochemistry_target_values       ? 
_refine.pdbx_R_Free_selection_details            RANDOM 
_refine.pdbx_stereochem_target_val_spec_case     ? 
_refine.pdbx_overall_ESU_R                       0.167 
_refine.pdbx_overall_ESU_R_Free                  0.137 
_refine.pdbx_solvent_vdw_probe_radii             1.20 
_refine.pdbx_solvent_ion_probe_radii             0.80 
_refine.pdbx_solvent_shrinkage_radii             0.80 
_refine.pdbx_real_space_R                        ? 
_refine.pdbx_density_correlation                 ? 
_refine.pdbx_pd_number_of_powder_patterns        ? 
_refine.pdbx_pd_number_of_points                 ? 
_refine.pdbx_pd_meas_number_of_points            ? 
_refine.pdbx_pd_proc_ls_prof_R_factor            ? 
_refine.pdbx_pd_proc_ls_prof_wR_factor           ? 
_refine.pdbx_pd_Marquardt_correlation_coeff      ? 
_refine.pdbx_pd_Fsqrd_R_factor                   ? 
_refine.pdbx_pd_ls_matrix_band_width             ? 
_refine.pdbx_overall_phase_error                 ? 
_refine.pdbx_overall_SU_R_free_Cruickshank_DPI   ? 
_refine.pdbx_overall_SU_R_free_Blow_DPI          ? 
_refine.pdbx_overall_SU_R_Blow_DPI               ? 
_refine.pdbx_TLS_residual_ADP_flag               ? 
_refine.pdbx_diffrn_id                           1 
_refine.overall_SU_B                             2.097 
_refine.overall_SU_ML                            0.065 
_refine.overall_SU_R_Cruickshank_DPI             ? 
_refine.overall_SU_R_free                        ? 
_refine.overall_FOM_free_R_set                   ? 
_refine.overall_FOM_work_R_set                   ? 
_refine.pdbx_average_fsc_overall                 ? 
_refine.pdbx_average_fsc_work                    ? 
_refine.pdbx_average_fsc_free                    ? 
# 
_refine_hist.pdbx_refine_id                   'X-RAY DIFFRACTION' 
_refine_hist.cycle_id                         1 
_refine_hist.pdbx_number_atoms_protein        534 
_refine_hist.pdbx_number_atoms_nucleic_acid   0 
_refine_hist.pdbx_number_atoms_ligand         28 
_refine_hist.number_atoms_solvent             67 
_refine_hist.number_atoms_total               629 
_refine_hist.d_res_high                       1.80 
_refine_hist.d_res_low                        46.17 
# 
loop_
_refine_ls_restr.pdbx_refine_id 
_refine_ls_restr.criterion 
_refine_ls_restr.dev_ideal 
_refine_ls_restr.dev_ideal_target 
_refine_ls_restr.number 
_refine_ls_restr.rejects 
_refine_ls_restr.type 
_refine_ls_restr.weight 
_refine_ls_restr.pdbx_restraint_function 
'X-RAY DIFFRACTION' ? 0.022  0.019  577  ? r_bond_refined_d             ? ? 
'X-RAY DIFFRACTION' ? 0.004  0.020  525  ? r_bond_other_d               ? ? 
'X-RAY DIFFRACTION' ? 1.541  2.029  777  ? r_angle_refined_deg          ? ? 
'X-RAY DIFFRACTION' ? 0.781  3.000  1222 ? r_angle_other_deg            ? ? 
'X-RAY DIFFRACTION' ? 8.816  5.000  73   ? r_dihedral_angle_1_deg       ? ? 
'X-RAY DIFFRACTION' ? 27.076 20.526 19   ? r_dihedral_angle_2_deg       ? ? 
'X-RAY DIFFRACTION' ? 15.128 15.000 103  ? r_dihedral_angle_3_deg       ? ? 
'X-RAY DIFFRACTION' ? 19.319 15.000 7    ? r_dihedral_angle_4_deg       ? ? 
'X-RAY DIFFRACTION' ? 0.112  0.200  83   ? r_chiral_restr               ? ? 
'X-RAY DIFFRACTION' ? 0.010  0.020  625  ? r_gen_planes_refined         ? ? 
'X-RAY DIFFRACTION' ? 0.002  0.020  114  ? r_gen_planes_other           ? ? 
'X-RAY DIFFRACTION' ? ?      ?      ?    ? r_nbd_refined                ? ? 
'X-RAY DIFFRACTION' ? ?      ?      ?    ? r_nbd_other                  ? ? 
'X-RAY DIFFRACTION' ? ?      ?      ?    ? r_nbtor_refined              ? ? 
'X-RAY DIFFRACTION' ? ?      ?      ?    ? r_nbtor_other                ? ? 
'X-RAY DIFFRACTION' ? ?      ?      ?    ? r_xyhbond_nbd_refined        ? ? 
'X-RAY DIFFRACTION' ? ?      ?      ?    ? r_xyhbond_nbd_other          ? ? 
'X-RAY DIFFRACTION' ? ?      ?      ?    ? r_metal_ion_refined          ? ? 
'X-RAY DIFFRACTION' ? ?      ?      ?    ? r_metal_ion_other            ? ? 
'X-RAY DIFFRACTION' ? ?      ?      ?    ? r_symmetry_vdw_refined       ? ? 
'X-RAY DIFFRACTION' ? ?      ?      ?    ? r_symmetry_vdw_other         ? ? 
'X-RAY DIFFRACTION' ? ?      ?      ?    ? r_symmetry_hbond_refined     ? ? 
'X-RAY DIFFRACTION' ? ?      ?      ?    ? r_symmetry_hbond_other       ? ? 
'X-RAY DIFFRACTION' ? ?      ?      ?    ? r_symmetry_metal_ion_refined ? ? 
'X-RAY DIFFRACTION' ? ?      ?      ?    ? r_symmetry_metal_ion_other   ? ? 
'X-RAY DIFFRACTION' ? 2.145  1.932  292  ? r_mcbond_it                  ? ? 
'X-RAY DIFFRACTION' ? 2.126  1.927  291  ? r_mcbond_other               ? ? 
'X-RAY DIFFRACTION' ? 3.262  3.207  362  ? r_mcangle_it                 ? ? 
'X-RAY DIFFRACTION' ? 3.268  3.211  363  ? r_mcangle_other              ? ? 
'X-RAY DIFFRACTION' ? 3.564  2.560  285  ? r_scbond_it                  ? ? 
'X-RAY DIFFRACTION' ? 3.568  2.537  283  ? r_scbond_other               ? ? 
'X-RAY DIFFRACTION' ? ?      ?      ?    ? r_scangle_it                 ? ? 
'X-RAY DIFFRACTION' ? 5.098  4.144  414  ? r_scangle_other              ? ? 
'X-RAY DIFFRACTION' ? 6.585  19.622 632  ? r_long_range_B_refined       ? ? 
'X-RAY DIFFRACTION' ? 6.581  19.670 633  ? r_long_range_B_other         ? ? 
'X-RAY DIFFRACTION' ? ?      ?      ?    ? r_rigid_bond_restr           ? ? 
'X-RAY DIFFRACTION' ? ?      ?      ?    ? r_sphericity_free            ? ? 
'X-RAY DIFFRACTION' ? ?      ?      ?    ? r_sphericity_bonded          ? ? 
# 
_refine_ls_shell.pdbx_refine_id                   'X-RAY DIFFRACTION' 
_refine_ls_shell.d_res_high                       1.769 
_refine_ls_shell.d_res_low                        1.815 
_refine_ls_shell.number_reflns_all                ? 
_refine_ls_shell.number_reflns_obs                ? 
_refine_ls_shell.number_reflns_R_free             4 
_refine_ls_shell.number_reflns_R_work             43 
_refine_ls_shell.percent_reflns_obs               10.71 
_refine_ls_shell.percent_reflns_R_free            ? 
_refine_ls_shell.R_factor_all                     ? 
_refine_ls_shell.R_factor_obs                     ? 
_refine_ls_shell.R_factor_R_free                  0.226 
_refine_ls_shell.R_factor_R_free_error            ? 
_refine_ls_shell.R_factor_R_work                  0.258 
_refine_ls_shell.redundancy_reflns_all            ? 
_refine_ls_shell.redundancy_reflns_obs            ? 
_refine_ls_shell.wR_factor_all                    ? 
_refine_ls_shell.wR_factor_obs                    ? 
_refine_ls_shell.wR_factor_R_free                 ? 
_refine_ls_shell.wR_factor_R_work                 ? 
_refine_ls_shell.pdbx_total_number_of_bins_used   20 
_refine_ls_shell.pdbx_phase_error                 ? 
_refine_ls_shell.pdbx_fsc_work                    ? 
_refine_ls_shell.pdbx_fsc_free                    ? 
# 
_struct.entry_id                     6ATL 
_struct.title                        'Exploring Cystine Dense Peptide Space to Open a Unique Molecular Toolbox' 
_struct.pdbx_model_details           ? 
_struct.pdbx_formula_weight          ? 
_struct.pdbx_formula_weight_method   ? 
_struct.pdbx_model_type_details      ? 
_struct.pdbx_CASP_flag               N 
# 
_struct_keywords.entry_id        6ATL 
_struct_keywords.text            'Knottins, Cystine knot, Toxins, TOXIN' 
_struct_keywords.pdbx_keywords   TOXIN 
# 
loop_
_struct_asym.id 
_struct_asym.pdbx_blank_PDB_chainid_flag 
_struct_asym.pdbx_modified 
_struct_asym.entity_id 
_struct_asym.details 
A N N 1 ? 
B N N 1 ? 
C N N 2 ? 
D N N 3 ? 
E N N 2 ? 
F N N 2 ? 
G N N 4 ? 
H N N 4 ? 
# 
_struct_ref.id                         1 
_struct_ref.db_name                    UNP 
_struct_ref.db_code                    KAX42_TITSE 
_struct_ref.pdbx_db_accession          P56219 
_struct_ref.pdbx_db_isoform            ? 
_struct_ref.entity_id                  1 
_struct_ref.pdbx_seq_one_letter_code   VVIGQRCYRSPDCYSACKKLVGKATGKCTNGRCDC 
_struct_ref.pdbx_align_begin           23 
# 
loop_
_struct_ref_seq.align_id 
_struct_ref_seq.ref_id 
_struct_ref_seq.pdbx_PDB_id_code 
_struct_ref_seq.pdbx_strand_id 
_struct_ref_seq.seq_align_beg 
_struct_ref_seq.pdbx_seq_align_beg_ins_code 
_struct_ref_seq.seq_align_end 
_struct_ref_seq.pdbx_seq_align_end_ins_code 
_struct_ref_seq.pdbx_db_accession 
_struct_ref_seq.db_align_beg 
_struct_ref_seq.pdbx_db_align_beg_ins_code 
_struct_ref_seq.db_align_end 
_struct_ref_seq.pdbx_db_align_end_ins_code 
_struct_ref_seq.pdbx_auth_seq_align_beg 
_struct_ref_seq.pdbx_auth_seq_align_end 
1 1 6ATL A 3 ? 37 ? P56219 23 ? 57 ? 1 35 
2 1 6ATL C 3 ? 37 ? P56219 23 ? 57 ? 1 35 
# 
loop_
_struct_ref_seq_dif.align_id 
_struct_ref_seq_dif.pdbx_pdb_id_code 
_struct_ref_seq_dif.mon_id 
_struct_ref_seq_dif.pdbx_pdb_strand_id 
_struct_ref_seq_dif.seq_num 
_struct_ref_seq_dif.pdbx_pdb_ins_code 
_struct_ref_seq_dif.pdbx_seq_db_name 
_struct_ref_seq_dif.pdbx_seq_db_accession_code 
_struct_ref_seq_dif.db_mon_id 
_struct_ref_seq_dif.pdbx_seq_db_seq_num 
_struct_ref_seq_dif.details 
_struct_ref_seq_dif.pdbx_auth_seq_num 
_struct_ref_seq_dif.pdbx_ordinal 
1 6ATL GLY A 1 ? UNP P56219 ? ? 'expression tag' -1 1 
1 6ATL SER A 2 ? UNP P56219 ? ? 'expression tag' 0  2 
2 6ATL GLY C 1 ? UNP P56219 ? ? 'expression tag' -1 3 
2 6ATL SER C 2 ? UNP P56219 ? ? 'expression tag' 0  4 
# 
loop_
_pdbx_struct_assembly.id 
_pdbx_struct_assembly.details 
_pdbx_struct_assembly.method_details 
_pdbx_struct_assembly.oligomeric_details 
_pdbx_struct_assembly.oligomeric_count 
1 author_defined_assembly   ?    monomeric 1 
2 author_defined_assembly   ?    monomeric 1 
3 software_defined_assembly PISA dimeric   2 
# 
loop_
_pdbx_struct_assembly_prop.biol_id 
_pdbx_struct_assembly_prop.type 
_pdbx_struct_assembly_prop.value 
_pdbx_struct_assembly_prop.details 
3 'ABSA (A^2)' 1500 ? 
3 MORE         -50  ? 
3 'SSA (A^2)'  4620 ? 
# 
loop_
_pdbx_struct_assembly_gen.assembly_id 
_pdbx_struct_assembly_gen.oper_expression 
_pdbx_struct_assembly_gen.asym_id_list 
1 1 A,C,D,G         
2 1 B,E,F,H         
3 1 A,B,C,D,E,F,G,H 
# 
_pdbx_struct_assembly_auth_evidence.id                     1 
_pdbx_struct_assembly_auth_evidence.assembly_id            1 
_pdbx_struct_assembly_auth_evidence.experimental_support   none 
_pdbx_struct_assembly_auth_evidence.details                ? 
# 
_pdbx_struct_oper_list.id                   1 
_pdbx_struct_oper_list.type                 'identity operation' 
_pdbx_struct_oper_list.name                 1_555 
_pdbx_struct_oper_list.symmetry_operation   x,y,z 
_pdbx_struct_oper_list.matrix[1][1]         1.0000000000 
_pdbx_struct_oper_list.matrix[1][2]         0.0000000000 
_pdbx_struct_oper_list.matrix[1][3]         0.0000000000 
_pdbx_struct_oper_list.vector[1]            0.0000000000 
_pdbx_struct_oper_list.matrix[2][1]         0.0000000000 
_pdbx_struct_oper_list.matrix[2][2]         1.0000000000 
_pdbx_struct_oper_list.matrix[2][3]         0.0000000000 
_pdbx_struct_oper_list.vector[2]            0.0000000000 
_pdbx_struct_oper_list.matrix[3][1]         0.0000000000 
_pdbx_struct_oper_list.matrix[3][2]         0.0000000000 
_pdbx_struct_oper_list.matrix[3][3]         1.0000000000 
_pdbx_struct_oper_list.vector[3]            0.0000000000 
# 
loop_
_struct_conf.conf_type_id 
_struct_conf.id 
_struct_conf.pdbx_PDB_helix_id 
_struct_conf.beg_label_comp_id 
_struct_conf.beg_label_asym_id 
_struct_conf.beg_label_seq_id 
_struct_conf.pdbx_beg_PDB_ins_code 
_struct_conf.end_label_comp_id 
_struct_conf.end_label_asym_id 
_struct_conf.end_label_seq_id 
_struct_conf.pdbx_end_PDB_ins_code 
_struct_conf.beg_auth_comp_id 
_struct_conf.beg_auth_asym_id 
_struct_conf.beg_auth_seq_id 
_struct_conf.end_auth_comp_id 
_struct_conf.end_auth_asym_id 
_struct_conf.end_auth_seq_id 
_struct_conf.pdbx_PDB_helix_class 
_struct_conf.details 
_struct_conf.pdbx_PDB_helix_length 
HELX_P HELX_P1 AA1 ARG A 11 ? ASP A 14 ? ARG A 9  ASP A 12 5 ? 4  
HELX_P HELX_P2 AA2 CYS A 15 ? LYS A 20 ? CYS A 13 LYS A 18 1 ? 6  
HELX_P HELX_P3 AA3 ARG B 11 ? ASP B 14 ? ARG C 9  ASP C 12 5 ? 4  
HELX_P HELX_P4 AA4 CYS B 15 ? GLY B 24 ? CYS C 13 GLY C 22 1 ? 10 
# 
_struct_conf_type.id          HELX_P 
_struct_conf_type.criteria    ? 
_struct_conf_type.reference   ? 
# 
loop_
_struct_conn.id 
_struct_conn.conn_type_id 
_struct_conn.pdbx_leaving_atom_flag 
_struct_conn.pdbx_PDB_id 
_struct_conn.ptnr1_label_asym_id 
_struct_conn.ptnr1_label_comp_id 
_struct_conn.ptnr1_label_seq_id 
_struct_conn.ptnr1_label_atom_id 
_struct_conn.pdbx_ptnr1_label_alt_id 
_struct_conn.pdbx_ptnr1_PDB_ins_code 
_struct_conn.pdbx_ptnr1_standard_comp_id 
_struct_conn.ptnr1_symmetry 
_struct_conn.ptnr2_label_asym_id 
_struct_conn.ptnr2_label_comp_id 
_struct_conn.ptnr2_label_seq_id 
_struct_conn.ptnr2_label_atom_id 
_struct_conn.pdbx_ptnr2_label_alt_id 
_struct_conn.pdbx_ptnr2_PDB_ins_code 
_struct_conn.ptnr1_auth_asym_id 
_struct_conn.ptnr1_auth_comp_id 
_struct_conn.ptnr1_auth_seq_id 
_struct_conn.ptnr2_auth_asym_id 
_struct_conn.ptnr2_auth_comp_id 
_struct_conn.ptnr2_auth_seq_id 
_struct_conn.ptnr2_symmetry 
_struct_conn.pdbx_ptnr3_label_atom_id 
_struct_conn.pdbx_ptnr3_label_seq_id 
_struct_conn.pdbx_ptnr3_label_comp_id 
_struct_conn.pdbx_ptnr3_label_asym_id 
_struct_conn.pdbx_ptnr3_label_alt_id 
_struct_conn.pdbx_ptnr3_PDB_ins_code 
_struct_conn.details 
_struct_conn.pdbx_dist_value 
_struct_conn.pdbx_value_order 
_struct_conn.pdbx_role 
disulf1 disulf ? ? A CYS 9  SG ? ? ? 1_555 A CYS 30 SG ? ? A CYS 7  A CYS 28 1_555 ? ? ? ? ? ? ? 2.036 ? ? 
disulf2 disulf ? ? A CYS 15 SG ? ? ? 1_555 A CYS 35 SG ? ? A CYS 13 A CYS 33 1_555 ? ? ? ? ? ? ? 2.039 ? ? 
disulf3 disulf ? ? A CYS 19 SG ? ? ? 1_555 A CYS 37 SG ? ? A CYS 17 A CYS 35 1_555 ? ? ? ? ? ? ? 2.010 ? ? 
disulf4 disulf ? ? B CYS 9  SG ? ? ? 1_555 B CYS 30 SG ? ? C CYS 7  C CYS 28 1_555 ? ? ? ? ? ? ? 2.120 ? ? 
disulf5 disulf ? ? B CYS 15 SG ? ? ? 1_555 B CYS 35 SG ? ? C CYS 13 C CYS 33 1_555 ? ? ? ? ? ? ? 2.075 ? ? 
disulf6 disulf ? ? B CYS 19 SG ? ? ? 1_555 B CYS 37 SG ? ? C CYS 17 C CYS 35 1_555 ? ? ? ? ? ? ? 2.021 ? ? 
# 
_struct_conn_type.id          disulf 
_struct_conn_type.criteria    ? 
_struct_conn_type.reference   ? 
# 
loop_
_pdbx_modification_feature.ordinal 
_pdbx_modification_feature.label_comp_id 
_pdbx_modification_feature.label_asym_id 
_pdbx_modification_feature.label_seq_id 
_pdbx_modification_feature.label_alt_id 
_pdbx_modification_feature.modified_residue_label_comp_id 
_pdbx_modification_feature.modified_residue_label_asym_id 
_pdbx_modification_feature.modified_residue_label_seq_id 
_pdbx_modification_feature.modified_residue_label_alt_id 
_pdbx_modification_feature.auth_comp_id 
_pdbx_modification_feature.auth_asym_id 
_pdbx_modification_feature.auth_seq_id 
_pdbx_modification_feature.PDB_ins_code 
_pdbx_modification_feature.symmetry 
_pdbx_modification_feature.modified_residue_auth_comp_id 
_pdbx_modification_feature.modified_residue_auth_asym_id 
_pdbx_modification_feature.modified_residue_auth_seq_id 
_pdbx_modification_feature.modified_residue_PDB_ins_code 
_pdbx_modification_feature.modified_residue_symmetry 
_pdbx_modification_feature.comp_id_linking_atom 
_pdbx_modification_feature.modified_residue_id_linking_atom 
_pdbx_modification_feature.modified_residue_id 
_pdbx_modification_feature.ref_pcm_id 
_pdbx_modification_feature.ref_comp_id 
_pdbx_modification_feature.type 
_pdbx_modification_feature.category 
1 CYS A 9  ? CYS A 30 ? CYS A 7  ? 1_555 CYS A 28 ? 1_555 SG SG . . . None 'Disulfide bridge' 
2 CYS A 15 ? CYS A 35 ? CYS A 13 ? 1_555 CYS A 33 ? 1_555 SG SG . . . None 'Disulfide bridge' 
3 CYS A 19 ? CYS A 37 ? CYS A 17 ? 1_555 CYS A 35 ? 1_555 SG SG . . . None 'Disulfide bridge' 
4 CYS B 9  ? CYS B 30 ? CYS C 7  ? 1_555 CYS C 28 ? 1_555 SG SG . . . None 'Disulfide bridge' 
5 CYS B 15 ? CYS B 35 ? CYS C 13 ? 1_555 CYS C 33 ? 1_555 SG SG . . . None 'Disulfide bridge' 
6 CYS B 19 ? CYS B 37 ? CYS C 17 ? 1_555 CYS C 35 ? 1_555 SG SG . . . None 'Disulfide bridge' 
# 
loop_
_struct_sheet.id 
_struct_sheet.type 
_struct_sheet.number_strands 
_struct_sheet.details 
AA1 ? 3 ? 
AA2 ? 3 ? 
# 
loop_
_struct_sheet_order.sheet_id 
_struct_sheet_order.range_id_1 
_struct_sheet_order.range_id_2 
_struct_sheet_order.offset 
_struct_sheet_order.sense 
AA1 1 2 ? anti-parallel 
AA1 2 3 ? anti-parallel 
AA2 1 2 ? anti-parallel 
AA2 2 3 ? anti-parallel 
# 
loop_
_struct_sheet_range.sheet_id 
_struct_sheet_range.id 
_struct_sheet_range.beg_label_comp_id 
_struct_sheet_range.beg_label_asym_id 
_struct_sheet_range.beg_label_seq_id 
_struct_sheet_range.pdbx_beg_PDB_ins_code 
_struct_sheet_range.end_label_comp_id 
_struct_sheet_range.end_label_asym_id 
_struct_sheet_range.end_label_seq_id 
_struct_sheet_range.pdbx_end_PDB_ins_code 
_struct_sheet_range.beg_auth_comp_id 
_struct_sheet_range.beg_auth_asym_id 
_struct_sheet_range.beg_auth_seq_id 
_struct_sheet_range.end_auth_comp_id 
_struct_sheet_range.end_auth_asym_id 
_struct_sheet_range.end_auth_seq_id 
AA1 1 VAL A 4  ? ARG A 8  ? VAL A 2  ARG A 6  
AA1 2 ARG A 34 ? ASP A 36 ? ARG A 32 ASP A 34 
AA1 3 LYS A 29 ? THR A 31 ? LYS A 27 THR A 29 
AA2 1 VAL B 3  ? ARG B 8  ? VAL C 1  ARG C 6  
AA2 2 ARG B 34 ? CYS B 37 ? ARG C 32 CYS C 35 
AA2 3 LYS B 29 ? THR B 31 ? LYS C 27 THR C 29 
# 
loop_
_pdbx_struct_sheet_hbond.sheet_id 
_pdbx_struct_sheet_hbond.range_id_1 
_pdbx_struct_sheet_hbond.range_id_2 
_pdbx_struct_sheet_hbond.range_1_label_atom_id 
_pdbx_struct_sheet_hbond.range_1_label_comp_id 
_pdbx_struct_sheet_hbond.range_1_label_asym_id 
_pdbx_struct_sheet_hbond.range_1_label_seq_id 
_pdbx_struct_sheet_hbond.range_1_PDB_ins_code 
_pdbx_struct_sheet_hbond.range_1_auth_atom_id 
_pdbx_struct_sheet_hbond.range_1_auth_comp_id 
_pdbx_struct_sheet_hbond.range_1_auth_asym_id 
_pdbx_struct_sheet_hbond.range_1_auth_seq_id 
_pdbx_struct_sheet_hbond.range_2_label_atom_id 
_pdbx_struct_sheet_hbond.range_2_label_comp_id 
_pdbx_struct_sheet_hbond.range_2_label_asym_id 
_pdbx_struct_sheet_hbond.range_2_label_seq_id 
_pdbx_struct_sheet_hbond.range_2_PDB_ins_code 
_pdbx_struct_sheet_hbond.range_2_auth_atom_id 
_pdbx_struct_sheet_hbond.range_2_auth_comp_id 
_pdbx_struct_sheet_hbond.range_2_auth_asym_id 
_pdbx_struct_sheet_hbond.range_2_auth_seq_id 
AA1 1 2 N ILE A 5  ? N ILE A 3  O CYS A 35 ? O CYS A 33 
AA1 2 3 O ASP A 36 ? O ASP A 34 N LYS A 29 ? N LYS A 27 
AA2 1 2 N VAL B 3  ? N VAL C 1  O CYS B 37 ? O CYS C 35 
AA2 2 3 O ARG B 34 ? O ARG C 32 N THR B 31 ? N THR C 29 
# 
loop_
_struct_site.id 
_struct_site.pdbx_evidence_code 
_struct_site.pdbx_auth_asym_id 
_struct_site.pdbx_auth_comp_id 
_struct_site.pdbx_auth_seq_id 
_struct_site.pdbx_auth_ins_code 
_struct_site.pdbx_num_residues 
_struct_site.details 
AC1 Software A SO4 101 ? 6 'binding site for residue SO4 A 101' 
AC2 Software A CIT 102 ? 4 'binding site for residue CIT A 102' 
AC3 Software C SO4 101 ? 7 'binding site for residue SO4 C 101' 
AC4 Software C SO4 102 ? 4 'binding site for residue SO4 C 102' 
# 
loop_
_struct_site_gen.id 
_struct_site_gen.site_id 
_struct_site_gen.pdbx_num_res 
_struct_site_gen.label_comp_id 
_struct_site_gen.label_asym_id 
_struct_site_gen.label_seq_id 
_struct_site_gen.pdbx_auth_ins_code 
_struct_site_gen.auth_comp_id 
_struct_site_gen.auth_asym_id 
_struct_site_gen.auth_seq_id 
_struct_site_gen.label_atom_id 
_struct_site_gen.label_alt_id 
_struct_site_gen.symmetry 
_struct_site_gen.details 
1  AC1 6 ARG A 11 ? ARG A 9   . ? 1_555 ? 
2  AC1 6 SER A 12 ? SER A 10  . ? 1_555 ? 
3  AC1 6 HOH G .  ? HOH A 219 . ? 1_555 ? 
4  AC1 6 LYS B 20 ? LYS C 18  . ? 1_555 ? 
5  AC1 6 LYS B 25 ? LYS C 23  . ? 1_555 ? 
6  AC1 6 ALA B 26 ? ALA C 24  . ? 1_555 ? 
7  AC2 4 SER A 2  ? SER A 0   . ? 1_555 ? 
8  AC2 4 ARG A 11 ? ARG A 9   . ? 1_565 ? 
9  AC2 4 LYS A 29 ? LYS A 27  . ? 1_555 ? 
10 AC2 4 ASP A 36 ? ASP A 34  . ? 1_555 ? 
11 AC3 7 TYR A 16 ? TYR A 14  . ? 1_555 ? 
12 AC3 7 ARG B 11 ? ARG C 9   . ? 1_555 ? 
13 AC3 7 SER B 12 ? SER C 10  . ? 1_555 ? 
14 AC3 7 HOH H .  ? HOH C 201 . ? 1_555 ? 
15 AC3 7 HOH H .  ? HOH C 204 . ? 1_555 ? 
16 AC3 7 HOH H .  ? HOH C 209 . ? 1_555 ? 
17 AC3 7 HOH H .  ? HOH C 218 . ? 1_555 ? 
18 AC4 4 ARG B 8  ? ARG C 6   . ? 1_555 ? 
19 AC4 4 ARG B 34 ? ARG C 32  . ? 1_555 ? 
20 AC4 4 HOH H .  ? HOH C 203 . ? 1_555 ? 
21 AC4 4 HOH H .  ? HOH C 212 . ? 1_555 ? 
# 
_pdbx_entry_details.entry_id                   6ATL 
_pdbx_entry_details.compound_details           ? 
_pdbx_entry_details.source_details             ? 
_pdbx_entry_details.nonpolymer_details         ? 
_pdbx_entry_details.sequence_details           ? 
_pdbx_entry_details.has_ligand_of_interest     ? 
_pdbx_entry_details.has_protein_modification   Y 
# 
_pdbx_validate_symm_contact.id                1 
_pdbx_validate_symm_contact.PDB_model_num     1 
_pdbx_validate_symm_contact.auth_atom_id_1    O 
_pdbx_validate_symm_contact.auth_asym_id_1    A 
_pdbx_validate_symm_contact.auth_comp_id_1    HOH 
_pdbx_validate_symm_contact.auth_seq_id_1     220 
_pdbx_validate_symm_contact.PDB_ins_code_1    ? 
_pdbx_validate_symm_contact.label_alt_id_1    ? 
_pdbx_validate_symm_contact.site_symmetry_1   1_555 
_pdbx_validate_symm_contact.auth_atom_id_2    O 
_pdbx_validate_symm_contact.auth_asym_id_2    A 
_pdbx_validate_symm_contact.auth_comp_id_2    HOH 
_pdbx_validate_symm_contact.auth_seq_id_2     230 
_pdbx_validate_symm_contact.PDB_ins_code_2    ? 
_pdbx_validate_symm_contact.label_alt_id_2    ? 
_pdbx_validate_symm_contact.site_symmetry_2   2_745 
_pdbx_validate_symm_contact.dist              2.12 
# 
_pdbx_validate_torsion.id              1 
_pdbx_validate_torsion.PDB_model_num   1 
_pdbx_validate_torsion.auth_comp_id    ALA 
_pdbx_validate_torsion.auth_asym_id    A 
_pdbx_validate_torsion.auth_seq_id     24 
_pdbx_validate_torsion.PDB_ins_code    ? 
_pdbx_validate_torsion.label_alt_id    ? 
_pdbx_validate_torsion.phi             -133.12 
_pdbx_validate_torsion.psi             -87.32 
# 
_pdbx_validate_peptide_omega.id               1 
_pdbx_validate_peptide_omega.PDB_model_num    1 
_pdbx_validate_peptide_omega.auth_comp_id_1   GLY 
_pdbx_validate_peptide_omega.auth_asym_id_1   A 
_pdbx_validate_peptide_omega.auth_seq_id_1    -1 
_pdbx_validate_peptide_omega.PDB_ins_code_1   ? 
_pdbx_validate_peptide_omega.label_alt_id_1   ? 
_pdbx_validate_peptide_omega.auth_comp_id_2   SER 
_pdbx_validate_peptide_omega.auth_asym_id_2   A 
_pdbx_validate_peptide_omega.auth_seq_id_2    0 
_pdbx_validate_peptide_omega.PDB_ins_code_2   ? 
_pdbx_validate_peptide_omega.label_alt_id_2   ? 
_pdbx_validate_peptide_omega.omega            127.42 
# 
_pdbx_unobs_or_zero_occ_residues.id               1 
_pdbx_unobs_or_zero_occ_residues.PDB_model_num    1 
_pdbx_unobs_or_zero_occ_residues.polymer_flag     Y 
_pdbx_unobs_or_zero_occ_residues.occupancy_flag   1 
_pdbx_unobs_or_zero_occ_residues.auth_asym_id     C 
_pdbx_unobs_or_zero_occ_residues.auth_comp_id     GLY 
_pdbx_unobs_or_zero_occ_residues.auth_seq_id      -1 
_pdbx_unobs_or_zero_occ_residues.PDB_ins_code     ? 
_pdbx_unobs_or_zero_occ_residues.label_asym_id    B 
_pdbx_unobs_or_zero_occ_residues.label_comp_id    GLY 
_pdbx_unobs_or_zero_occ_residues.label_seq_id     1 
# 
loop_
_chem_comp_atom.comp_id 
_chem_comp_atom.atom_id 
_chem_comp_atom.type_symbol 
_chem_comp_atom.pdbx_aromatic_flag 
_chem_comp_atom.pdbx_stereo_config 
_chem_comp_atom.pdbx_ordinal 
ALA N    N N N 1   
ALA CA   C N S 2   
ALA C    C N N 3   
ALA O    O N N 4   
ALA CB   C N N 5   
ALA OXT  O N N 6   
ALA H    H N N 7   
ALA H2   H N N 8   
ALA HA   H N N 9   
ALA HB1  H N N 10  
ALA HB2  H N N 11  
ALA HB3  H N N 12  
ALA HXT  H N N 13  
ARG N    N N N 14  
ARG CA   C N S 15  
ARG C    C N N 16  
ARG O    O N N 17  
ARG CB   C N N 18  
ARG CG   C N N 19  
ARG CD   C N N 20  
ARG NE   N N N 21  
ARG CZ   C N N 22  
ARG NH1  N N N 23  
ARG NH2  N N N 24  
ARG OXT  O N N 25  
ARG H    H N N 26  
ARG H2   H N N 27  
ARG HA   H N N 28  
ARG HB2  H N N 29  
ARG HB3  H N N 30  
ARG HG2  H N N 31  
ARG HG3  H N N 32  
ARG HD2  H N N 33  
ARG HD3  H N N 34  
ARG HE   H N N 35  
ARG HH11 H N N 36  
ARG HH12 H N N 37  
ARG HH21 H N N 38  
ARG HH22 H N N 39  
ARG HXT  H N N 40  
ASN N    N N N 41  
ASN CA   C N S 42  
ASN C    C N N 43  
ASN O    O N N 44  
ASN CB   C N N 45  
ASN CG   C N N 46  
ASN OD1  O N N 47  
ASN ND2  N N N 48  
ASN OXT  O N N 49  
ASN H    H N N 50  
ASN H2   H N N 51  
ASN HA   H N N 52  
ASN HB2  H N N 53  
ASN HB3  H N N 54  
ASN HD21 H N N 55  
ASN HD22 H N N 56  
ASN HXT  H N N 57  
ASP N    N N N 58  
ASP CA   C N S 59  
ASP C    C N N 60  
ASP O    O N N 61  
ASP CB   C N N 62  
ASP CG   C N N 63  
ASP OD1  O N N 64  
ASP OD2  O N N 65  
ASP OXT  O N N 66  
ASP H    H N N 67  
ASP H2   H N N 68  
ASP HA   H N N 69  
ASP HB2  H N N 70  
ASP HB3  H N N 71  
ASP HD2  H N N 72  
ASP HXT  H N N 73  
CIT C1   C N N 74  
CIT O1   O N N 75  
CIT O2   O N N 76  
CIT C2   C N N 77  
CIT C3   C N N 78  
CIT O7   O N N 79  
CIT C4   C N N 80  
CIT C5   C N N 81  
CIT O3   O N N 82  
CIT O4   O N N 83  
CIT C6   C N N 84  
CIT O5   O N N 85  
CIT O6   O N N 86  
CIT HO2  H N N 87  
CIT H21  H N N 88  
CIT H22  H N N 89  
CIT HO7  H N N 90  
CIT H41  H N N 91  
CIT H42  H N N 92  
CIT HO4  H N N 93  
CIT HO6  H N N 94  
CYS N    N N N 95  
CYS CA   C N R 96  
CYS C    C N N 97  
CYS O    O N N 98  
CYS CB   C N N 99  
CYS SG   S N N 100 
CYS OXT  O N N 101 
CYS H    H N N 102 
CYS H2   H N N 103 
CYS HA   H N N 104 
CYS HB2  H N N 105 
CYS HB3  H N N 106 
CYS HG   H N N 107 
CYS HXT  H N N 108 
GLN N    N N N 109 
GLN CA   C N S 110 
GLN C    C N N 111 
GLN O    O N N 112 
GLN CB   C N N 113 
GLN CG   C N N 114 
GLN CD   C N N 115 
GLN OE1  O N N 116 
GLN NE2  N N N 117 
GLN OXT  O N N 118 
GLN H    H N N 119 
GLN H2   H N N 120 
GLN HA   H N N 121 
GLN HB2  H N N 122 
GLN HB3  H N N 123 
GLN HG2  H N N 124 
GLN HG3  H N N 125 
GLN HE21 H N N 126 
GLN HE22 H N N 127 
GLN HXT  H N N 128 
GLY N    N N N 129 
GLY CA   C N N 130 
GLY C    C N N 131 
GLY O    O N N 132 
GLY OXT  O N N 133 
GLY H    H N N 134 
GLY H2   H N N 135 
GLY HA2  H N N 136 
GLY HA3  H N N 137 
GLY HXT  H N N 138 
HOH O    O N N 139 
HOH H1   H N N 140 
HOH H2   H N N 141 
ILE N    N N N 142 
ILE CA   C N S 143 
ILE C    C N N 144 
ILE O    O N N 145 
ILE CB   C N S 146 
ILE CG1  C N N 147 
ILE CG2  C N N 148 
ILE CD1  C N N 149 
ILE OXT  O N N 150 
ILE H    H N N 151 
ILE H2   H N N 152 
ILE HA   H N N 153 
ILE HB   H N N 154 
ILE HG12 H N N 155 
ILE HG13 H N N 156 
ILE HG21 H N N 157 
ILE HG22 H N N 158 
ILE HG23 H N N 159 
ILE HD11 H N N 160 
ILE HD12 H N N 161 
ILE HD13 H N N 162 
ILE HXT  H N N 163 
LEU N    N N N 164 
LEU CA   C N S 165 
LEU C    C N N 166 
LEU O    O N N 167 
LEU CB   C N N 168 
LEU CG   C N N 169 
LEU CD1  C N N 170 
LEU CD2  C N N 171 
LEU OXT  O N N 172 
LEU H    H N N 173 
LEU H2   H N N 174 
LEU HA   H N N 175 
LEU HB2  H N N 176 
LEU HB3  H N N 177 
LEU HG   H N N 178 
LEU HD11 H N N 179 
LEU HD12 H N N 180 
LEU HD13 H N N 181 
LEU HD21 H N N 182 
LEU HD22 H N N 183 
LEU HD23 H N N 184 
LEU HXT  H N N 185 
LYS N    N N N 186 
LYS CA   C N S 187 
LYS C    C N N 188 
LYS O    O N N 189 
LYS CB   C N N 190 
LYS CG   C N N 191 
LYS CD   C N N 192 
LYS CE   C N N 193 
LYS NZ   N N N 194 
LYS OXT  O N N 195 
LYS H    H N N 196 
LYS H2   H N N 197 
LYS HA   H N N 198 
LYS HB2  H N N 199 
LYS HB3  H N N 200 
LYS HG2  H N N 201 
LYS HG3  H N N 202 
LYS HD2  H N N 203 
LYS HD3  H N N 204 
LYS HE2  H N N 205 
LYS HE3  H N N 206 
LYS HZ1  H N N 207 
LYS HZ2  H N N 208 
LYS HZ3  H N N 209 
LYS HXT  H N N 210 
PRO N    N N N 211 
PRO CA   C N S 212 
PRO C    C N N 213 
PRO O    O N N 214 
PRO CB   C N N 215 
PRO CG   C N N 216 
PRO CD   C N N 217 
PRO OXT  O N N 218 
PRO H    H N N 219 
PRO HA   H N N 220 
PRO HB2  H N N 221 
PRO HB3  H N N 222 
PRO HG2  H N N 223 
PRO HG3  H N N 224 
PRO HD2  H N N 225 
PRO HD3  H N N 226 
PRO HXT  H N N 227 
SER N    N N N 228 
SER CA   C N S 229 
SER C    C N N 230 
SER O    O N N 231 
SER CB   C N N 232 
SER OG   O N N 233 
SER OXT  O N N 234 
SER H    H N N 235 
SER H2   H N N 236 
SER HA   H N N 237 
SER HB2  H N N 238 
SER HB3  H N N 239 
SER HG   H N N 240 
SER HXT  H N N 241 
SO4 S    S N N 242 
SO4 O1   O N N 243 
SO4 O2   O N N 244 
SO4 O3   O N N 245 
SO4 O4   O N N 246 
THR N    N N N 247 
THR CA   C N S 248 
THR C    C N N 249 
THR O    O N N 250 
THR CB   C N R 251 
THR OG1  O N N 252 
THR CG2  C N N 253 
THR OXT  O N N 254 
THR H    H N N 255 
THR H2   H N N 256 
THR HA   H N N 257 
THR HB   H N N 258 
THR HG1  H N N 259 
THR HG21 H N N 260 
THR HG22 H N N 261 
THR HG23 H N N 262 
THR HXT  H N N 263 
TYR N    N N N 264 
TYR CA   C N S 265 
TYR C    C N N 266 
TYR O    O N N 267 
TYR CB   C N N 268 
TYR CG   C Y N 269 
TYR CD1  C Y N 270 
TYR CD2  C Y N 271 
TYR CE1  C Y N 272 
TYR CE2  C Y N 273 
TYR CZ   C Y N 274 
TYR OH   O N N 275 
TYR OXT  O N N 276 
TYR H    H N N 277 
TYR H2   H N N 278 
TYR HA   H N N 279 
TYR HB2  H N N 280 
TYR HB3  H N N 281 
TYR HD1  H N N 282 
TYR HD2  H N N 283 
TYR HE1  H N N 284 
TYR HE2  H N N 285 
TYR HH   H N N 286 
TYR HXT  H N N 287 
VAL N    N N N 288 
VAL CA   C N S 289 
VAL C    C N N 290 
VAL O    O N N 291 
VAL CB   C N N 292 
VAL CG1  C N N 293 
VAL CG2  C N N 294 
VAL OXT  O N N 295 
VAL H    H N N 296 
VAL H2   H N N 297 
VAL HA   H N N 298 
VAL HB   H N N 299 
VAL HG11 H N N 300 
VAL HG12 H N N 301 
VAL HG13 H N N 302 
VAL HG21 H N N 303 
VAL HG22 H N N 304 
VAL HG23 H N N 305 
VAL HXT  H N N 306 
# 
loop_
_chem_comp_bond.comp_id 
_chem_comp_bond.atom_id_1 
_chem_comp_bond.atom_id_2 
_chem_comp_bond.value_order 
_chem_comp_bond.pdbx_aromatic_flag 
_chem_comp_bond.pdbx_stereo_config 
_chem_comp_bond.pdbx_ordinal 
ALA N   CA   sing N N 1   
ALA N   H    sing N N 2   
ALA N   H2   sing N N 3   
ALA CA  C    sing N N 4   
ALA CA  CB   sing N N 5   
ALA CA  HA   sing N N 6   
ALA C   O    doub N N 7   
ALA C   OXT  sing N N 8   
ALA CB  HB1  sing N N 9   
ALA CB  HB2  sing N N 10  
ALA CB  HB3  sing N N 11  
ALA OXT HXT  sing N N 12  
ARG N   CA   sing N N 13  
ARG N   H    sing N N 14  
ARG N   H2   sing N N 15  
ARG CA  C    sing N N 16  
ARG CA  CB   sing N N 17  
ARG CA  HA   sing N N 18  
ARG C   O    doub N N 19  
ARG C   OXT  sing N N 20  
ARG CB  CG   sing N N 21  
ARG CB  HB2  sing N N 22  
ARG CB  HB3  sing N N 23  
ARG CG  CD   sing N N 24  
ARG CG  HG2  sing N N 25  
ARG CG  HG3  sing N N 26  
ARG CD  NE   sing N N 27  
ARG CD  HD2  sing N N 28  
ARG CD  HD3  sing N N 29  
ARG NE  CZ   sing N N 30  
ARG NE  HE   sing N N 31  
ARG CZ  NH1  sing N N 32  
ARG CZ  NH2  doub N N 33  
ARG NH1 HH11 sing N N 34  
ARG NH1 HH12 sing N N 35  
ARG NH2 HH21 sing N N 36  
ARG NH2 HH22 sing N N 37  
ARG OXT HXT  sing N N 38  
ASN N   CA   sing N N 39  
ASN N   H    sing N N 40  
ASN N   H2   sing N N 41  
ASN CA  C    sing N N 42  
ASN CA  CB   sing N N 43  
ASN CA  HA   sing N N 44  
ASN C   O    doub N N 45  
ASN C   OXT  sing N N 46  
ASN CB  CG   sing N N 47  
ASN CB  HB2  sing N N 48  
ASN CB  HB3  sing N N 49  
ASN CG  OD1  doub N N 50  
ASN CG  ND2  sing N N 51  
ASN ND2 HD21 sing N N 52  
ASN ND2 HD22 sing N N 53  
ASN OXT HXT  sing N N 54  
ASP N   CA   sing N N 55  
ASP N   H    sing N N 56  
ASP N   H2   sing N N 57  
ASP CA  C    sing N N 58  
ASP CA  CB   sing N N 59  
ASP CA  HA   sing N N 60  
ASP C   O    doub N N 61  
ASP C   OXT  sing N N 62  
ASP CB  CG   sing N N 63  
ASP CB  HB2  sing N N 64  
ASP CB  HB3  sing N N 65  
ASP CG  OD1  doub N N 66  
ASP CG  OD2  sing N N 67  
ASP OD2 HD2  sing N N 68  
ASP OXT HXT  sing N N 69  
CIT C1  O1   doub N N 70  
CIT C1  O2   sing N N 71  
CIT C1  C2   sing N N 72  
CIT O2  HO2  sing N N 73  
CIT C2  C3   sing N N 74  
CIT C2  H21  sing N N 75  
CIT C2  H22  sing N N 76  
CIT C3  O7   sing N N 77  
CIT C3  C4   sing N N 78  
CIT C3  C6   sing N N 79  
CIT O7  HO7  sing N N 80  
CIT C4  C5   sing N N 81  
CIT C4  H41  sing N N 82  
CIT C4  H42  sing N N 83  
CIT C5  O3   doub N N 84  
CIT C5  O4   sing N N 85  
CIT O4  HO4  sing N N 86  
CIT C6  O5   doub N N 87  
CIT C6  O6   sing N N 88  
CIT O6  HO6  sing N N 89  
CYS N   CA   sing N N 90  
CYS N   H    sing N N 91  
CYS N   H2   sing N N 92  
CYS CA  C    sing N N 93  
CYS CA  CB   sing N N 94  
CYS CA  HA   sing N N 95  
CYS C   O    doub N N 96  
CYS C   OXT  sing N N 97  
CYS CB  SG   sing N N 98  
CYS CB  HB2  sing N N 99  
CYS CB  HB3  sing N N 100 
CYS SG  HG   sing N N 101 
CYS OXT HXT  sing N N 102 
GLN N   CA   sing N N 103 
GLN N   H    sing N N 104 
GLN N   H2   sing N N 105 
GLN CA  C    sing N N 106 
GLN CA  CB   sing N N 107 
GLN CA  HA   sing N N 108 
GLN C   O    doub N N 109 
GLN C   OXT  sing N N 110 
GLN CB  CG   sing N N 111 
GLN CB  HB2  sing N N 112 
GLN CB  HB3  sing N N 113 
GLN CG  CD   sing N N 114 
GLN CG  HG2  sing N N 115 
GLN CG  HG3  sing N N 116 
GLN CD  OE1  doub N N 117 
GLN CD  NE2  sing N N 118 
GLN NE2 HE21 sing N N 119 
GLN NE2 HE22 sing N N 120 
GLN OXT HXT  sing N N 121 
GLY N   CA   sing N N 122 
GLY N   H    sing N N 123 
GLY N   H2   sing N N 124 
GLY CA  C    sing N N 125 
GLY CA  HA2  sing N N 126 
GLY CA  HA3  sing N N 127 
GLY C   O    doub N N 128 
GLY C   OXT  sing N N 129 
GLY OXT HXT  sing N N 130 
HOH O   H1   sing N N 131 
HOH O   H2   sing N N 132 
ILE N   CA   sing N N 133 
ILE N   H    sing N N 134 
ILE N   H2   sing N N 135 
ILE CA  C    sing N N 136 
ILE CA  CB   sing N N 137 
ILE CA  HA   sing N N 138 
ILE C   O    doub N N 139 
ILE C   OXT  sing N N 140 
ILE CB  CG1  sing N N 141 
ILE CB  CG2  sing N N 142 
ILE CB  HB   sing N N 143 
ILE CG1 CD1  sing N N 144 
ILE CG1 HG12 sing N N 145 
ILE CG1 HG13 sing N N 146 
ILE CG2 HG21 sing N N 147 
ILE CG2 HG22 sing N N 148 
ILE CG2 HG23 sing N N 149 
ILE CD1 HD11 sing N N 150 
ILE CD1 HD12 sing N N 151 
ILE CD1 HD13 sing N N 152 
ILE OXT HXT  sing N N 153 
LEU N   CA   sing N N 154 
LEU N   H    sing N N 155 
LEU N   H2   sing N N 156 
LEU CA  C    sing N N 157 
LEU CA  CB   sing N N 158 
LEU CA  HA   sing N N 159 
LEU C   O    doub N N 160 
LEU C   OXT  sing N N 161 
LEU CB  CG   sing N N 162 
LEU CB  HB2  sing N N 163 
LEU CB  HB3  sing N N 164 
LEU CG  CD1  sing N N 165 
LEU CG  CD2  sing N N 166 
LEU CG  HG   sing N N 167 
LEU CD1 HD11 sing N N 168 
LEU CD1 HD12 sing N N 169 
LEU CD1 HD13 sing N N 170 
LEU CD2 HD21 sing N N 171 
LEU CD2 HD22 sing N N 172 
LEU CD2 HD23 sing N N 173 
LEU OXT HXT  sing N N 174 
LYS N   CA   sing N N 175 
LYS N   H    sing N N 176 
LYS N   H2   sing N N 177 
LYS CA  C    sing N N 178 
LYS CA  CB   sing N N 179 
LYS CA  HA   sing N N 180 
LYS C   O    doub N N 181 
LYS C   OXT  sing N N 182 
LYS CB  CG   sing N N 183 
LYS CB  HB2  sing N N 184 
LYS CB  HB3  sing N N 185 
LYS CG  CD   sing N N 186 
LYS CG  HG2  sing N N 187 
LYS CG  HG3  sing N N 188 
LYS CD  CE   sing N N 189 
LYS CD  HD2  sing N N 190 
LYS CD  HD3  sing N N 191 
LYS CE  NZ   sing N N 192 
LYS CE  HE2  sing N N 193 
LYS CE  HE3  sing N N 194 
LYS NZ  HZ1  sing N N 195 
LYS NZ  HZ2  sing N N 196 
LYS NZ  HZ3  sing N N 197 
LYS OXT HXT  sing N N 198 
PRO N   CA   sing N N 199 
PRO N   CD   sing N N 200 
PRO N   H    sing N N 201 
PRO CA  C    sing N N 202 
PRO CA  CB   sing N N 203 
PRO CA  HA   sing N N 204 
PRO C   O    doub N N 205 
PRO C   OXT  sing N N 206 
PRO CB  CG   sing N N 207 
PRO CB  HB2  sing N N 208 
PRO CB  HB3  sing N N 209 
PRO CG  CD   sing N N 210 
PRO CG  HG2  sing N N 211 
PRO CG  HG3  sing N N 212 
PRO CD  HD2  sing N N 213 
PRO CD  HD3  sing N N 214 
PRO OXT HXT  sing N N 215 
SER N   CA   sing N N 216 
SER N   H    sing N N 217 
SER N   H2   sing N N 218 
SER CA  C    sing N N 219 
SER CA  CB   sing N N 220 
SER CA  HA   sing N N 221 
SER C   O    doub N N 222 
SER C   OXT  sing N N 223 
SER CB  OG   sing N N 224 
SER CB  HB2  sing N N 225 
SER CB  HB3  sing N N 226 
SER OG  HG   sing N N 227 
SER OXT HXT  sing N N 228 
SO4 S   O1   doub N N 229 
SO4 S   O2   doub N N 230 
SO4 S   O3   sing N N 231 
SO4 S   O4   sing N N 232 
THR N   CA   sing N N 233 
THR N   H    sing N N 234 
THR N   H2   sing N N 235 
THR CA  C    sing N N 236 
THR CA  CB   sing N N 237 
THR CA  HA   sing N N 238 
THR C   O    doub N N 239 
THR C   OXT  sing N N 240 
THR CB  OG1  sing N N 241 
THR CB  CG2  sing N N 242 
THR CB  HB   sing N N 243 
THR OG1 HG1  sing N N 244 
THR CG2 HG21 sing N N 245 
THR CG2 HG22 sing N N 246 
THR CG2 HG23 sing N N 247 
THR OXT HXT  sing N N 248 
TYR N   CA   sing N N 249 
TYR N   H    sing N N 250 
TYR N   H2   sing N N 251 
TYR CA  C    sing N N 252 
TYR CA  CB   sing N N 253 
TYR CA  HA   sing N N 254 
TYR C   O    doub N N 255 
TYR C   OXT  sing N N 256 
TYR CB  CG   sing N N 257 
TYR CB  HB2  sing N N 258 
TYR CB  HB3  sing N N 259 
TYR CG  CD1  doub Y N 260 
TYR CG  CD2  sing Y N 261 
TYR CD1 CE1  sing Y N 262 
TYR CD1 HD1  sing N N 263 
TYR CD2 CE2  doub Y N 264 
TYR CD2 HD2  sing N N 265 
TYR CE1 CZ   doub Y N 266 
TYR CE1 HE1  sing N N 267 
TYR CE2 CZ   sing Y N 268 
TYR CE2 HE2  sing N N 269 
TYR CZ  OH   sing N N 270 
TYR OH  HH   sing N N 271 
TYR OXT HXT  sing N N 272 
VAL N   CA   sing N N 273 
VAL N   H    sing N N 274 
VAL N   H2   sing N N 275 
VAL CA  C    sing N N 276 
VAL CA  CB   sing N N 277 
VAL CA  HA   sing N N 278 
VAL C   O    doub N N 279 
VAL C   OXT  sing N N 280 
VAL CB  CG1  sing N N 281 
VAL CB  CG2  sing N N 282 
VAL CB  HB   sing N N 283 
VAL CG1 HG11 sing N N 284 
VAL CG1 HG12 sing N N 285 
VAL CG1 HG13 sing N N 286 
VAL CG2 HG21 sing N N 287 
VAL CG2 HG22 sing N N 288 
VAL CG2 HG23 sing N N 289 
VAL OXT HXT  sing N N 290 
# 
_atom_sites.entry_id                    6ATL 
_atom_sites.fract_transf_matrix[1][1]   0.02824875 
_atom_sites.fract_transf_matrix[1][2]   0.02017341 
_atom_sites.fract_transf_matrix[1][3]   0.01002297 
_atom_sites.fract_transf_matrix[2][1]   -0.00546680 
_atom_sites.fract_transf_matrix[2][2]   -0.01262573 
_atom_sites.fract_transf_matrix[2][3]   0.04081969 
_atom_sites.fract_transf_matrix[3][1]   0.01446879 
_atom_sites.fract_transf_matrix[3][2]   -0.01584009 
_atom_sites.fract_transf_matrix[3][3]   -0.00296167 
_atom_sites.fract_transf_vector[1]      0.744282 
_atom_sites.fract_transf_vector[2]      0.828679 
_atom_sites.fract_transf_vector[3]      0.251587 
# 
loop_
_atom_type.symbol 
C 
N 
O 
S 
# 
loop_
_atom_site.group_PDB 
_atom_site.id 
_atom_site.type_symbol 
_atom_site.label_atom_id 
_atom_site.label_alt_id 
_atom_site.label_comp_id 
_atom_site.label_asym_id 
_atom_site.label_entity_id 
_atom_site.label_seq_id 
_atom_site.pdbx_PDB_ins_code 
_atom_site.Cartn_x 
_atom_site.Cartn_y 
_atom_site.Cartn_z 
_atom_site.occupancy 
_atom_site.B_iso_or_equiv 
_atom_site.pdbx_formal_charge 
_atom_site.auth_seq_id 
_atom_site.auth_comp_id 
_atom_site.auth_asym_id 
_atom_site.auth_atom_id 
_atom_site.pdbx_PDB_model_num 
ATOM   1   N N   . GLY A 1 1  ? 3.585   1.326   13.873  1.00 45.47 ? -1  GLY A N   1 
ATOM   2   C CA  . GLY A 1 1  ? 2.269   0.559   13.718  1.00 55.09 ? -1  GLY A CA  1 
ATOM   3   C C   . GLY A 1 1  ? 1.753   0.583   12.309  1.00 45.24 ? -1  GLY A C   1 
ATOM   4   O O   . GLY A 1 1  ? 2.336   -0.005  11.451  1.00 48.29 ? -1  GLY A O   1 
ATOM   5   N N   . SER A 1 2  ? 0.571   1.182   12.118  1.00 38.60 ? 0   SER A N   1 
ATOM   6   C CA  . SER A 1 2  ? 0.406   2.219   11.125  1.00 33.65 ? 0   SER A CA  1 
ATOM   7   C C   . SER A 1 2  ? 1.296   3.457   11.605  1.00 26.11 ? 0   SER A C   1 
ATOM   8   O O   . SER A 1 2  ? 1.361   3.741   12.766  1.00 28.72 ? 0   SER A O   1 
ATOM   9   C CB  . SER A 1 2  ? -1.068  2.617   11.003  1.00 42.10 ? 0   SER A CB  1 
ATOM   10  O OG  . SER A 1 2  ? -1.330  3.830   11.666  1.00 46.22 ? 0   SER A OG  1 
ATOM   11  N N   . VAL A 1 3  ? 2.024   4.067   10.692  1.00 19.02 ? 1   VAL A N   1 
ATOM   12  C CA  . VAL A 1 3  ? 2.952   5.146   11.004  1.00 18.45 ? 1   VAL A CA  1 
ATOM   13  C C   . VAL A 1 3  ? 2.602   6.304   10.094  1.00 16.05 ? 1   VAL A C   1 
ATOM   14  O O   . VAL A 1 3  ? 2.797   6.221   8.858   1.00 12.62 ? 1   VAL A O   1 
ATOM   15  C CB  . VAL A 1 3  ? 4.460   4.743   10.743  1.00 20.92 ? 1   VAL A CB  1 
ATOM   16  C CG1 . VAL A 1 3  ? 5.415   5.921   11.056  1.00 22.44 ? 1   VAL A CG1 1 
ATOM   17  C CG2 . VAL A 1 3  ? 4.832   3.525   11.586  1.00 24.20 ? 1   VAL A CG2 1 
ATOM   18  N N   . VAL A 1 4  ? 2.058   7.374   10.674  1.00 14.02 ? 2   VAL A N   1 
ATOM   19  C CA  . VAL A 1 4  ? 1.677   8.543   9.856   1.00 12.79 ? 2   VAL A CA  1 
ATOM   20  C C   . VAL A 1 4  ? 2.918   9.348   9.601   1.00 13.01 ? 2   VAL A C   1 
ATOM   21  O O   . VAL A 1 4  ? 3.706   9.576   10.521  1.00 14.87 ? 2   VAL A O   1 
ATOM   22  C CB  . VAL A 1 4  ? 0.610   9.409   10.519  1.00 11.98 ? 2   VAL A CB  1 
ATOM   23  C CG1 . VAL A 1 4  ? 0.138   10.484  9.514   1.00 13.01 ? 2   VAL A CG1 1 
ATOM   24  C CG2 . VAL A 1 4  ? -0.587  8.509   10.985  1.00 12.70 ? 2   VAL A CG2 1 
ATOM   25  N N   . ILE A 1 5  ? 3.107   9.771   8.370   1.00 10.59 ? 3   ILE A N   1 
ATOM   26  C CA  . ILE A 1 5  ? 4.337   10.539  7.985   1.00 11.38 ? 3   ILE A CA  1 
ATOM   27  C C   . ILE A 1 5  ? 3.966   11.854  7.458   1.00 10.23 ? 3   ILE A C   1 
ATOM   28  O O   . ILE A 1 5  ? 2.794   12.140  7.307   1.00 9.81  ? 3   ILE A O   1 
ATOM   29  C CB  . ILE A 1 5  ? 5.200   9.736   6.954   1.00 9.86  ? 3   ILE A CB  1 
ATOM   30  C CG1 . ILE A 1 5  ? 4.419   9.500   5.644   1.00 11.46 ? 3   ILE A CG1 1 
ATOM   31  C CG2 . ILE A 1 5  ? 5.672   8.432   7.605   1.00 9.81  ? 3   ILE A CG2 1 
ATOM   32  C CD1 . ILE A 1 5  ? 5.294   9.064   4.463   1.00 11.04 ? 3   ILE A CD1 1 
ATOM   33  N N   . GLY A 1 6  ? 4.964   12.683  7.101   1.00 10.27 ? 4   GLY A N   1 
ATOM   34  C CA  . GLY A 1 6  ? 4.640   14.023  6.649   1.00 11.40 ? 4   GLY A CA  1 
ATOM   35  C C   . GLY A 1 6  ? 4.032   14.105  5.204   1.00 10.54 ? 4   GLY A C   1 
ATOM   36  O O   . GLY A 1 6  ? 3.251   15.031  4.893   1.00 10.80 ? 4   GLY A O   1 
ATOM   37  N N   . GLN A 1 7  ? 4.415   13.185  4.360   1.00 10.44 ? 5   GLN A N   1 
ATOM   38  C CA  . GLN A 1 7  ? 4.023   13.202  2.927   1.00 10.38 ? 5   GLN A CA  1 
ATOM   39  C C   . GLN A 1 7  ? 2.522   13.271  2.826   1.00 11.64 ? 5   GLN A C   1 
ATOM   40  O O   . GLN A 1 7  ? 1.803   12.492  3.503   1.00 11.97 ? 5   GLN A O   1 
ATOM   41  C CB  . GLN A 1 7  ? 4.497   11.951  2.239   1.00 10.92 ? 5   GLN A CB  1 
ATOM   42  C CG  . GLN A 1 7  ? 4.225   11.898  0.729   1.00 11.04 ? 5   GLN A CG  1 
ATOM   43  C CD  . GLN A 1 7  ? 5.193   12.690  -0.040  1.00 11.44 ? 5   GLN A CD  1 
ATOM   44  O OE1 . GLN A 1 7  ? 5.420   13.883  0.267   1.00 13.30 ? 5   GLN A OE1 1 
ATOM   45  N NE2 . GLN A 1 7  ? 5.797   12.065  -1.085  1.00 9.59  ? 5   GLN A NE2 1 
ATOM   46  N N   . ARG A 1 8  ? 2.048   14.251  2.068   1.00 10.48 ? 6   ARG A N   1 
ATOM   47  C CA  . ARG A 1 8  ? 0.613   14.410  1.798   1.00 10.75 ? 6   ARG A CA  1 
ATOM   48  C C   . ARG A 1 8  ? 0.192   13.650  0.543   1.00 9.96  ? 6   ARG A C   1 
ATOM   49  O O   . ARG A 1 8  ? 1.041   13.139  -0.247  1.00 9.45  ? 6   ARG A O   1 
ATOM   50  C CB  . ARG A 1 8  ? 0.273   15.850  1.687   1.00 11.88 ? 6   ARG A CB  1 
ATOM   51  C CG  . ARG A 1 8  ? 0.359   16.593  3.009   1.00 14.05 ? 6   ARG A CG  1 
ATOM   52  C CD  . ARG A 1 8  ? -0.440  17.878  2.937   1.00 15.49 ? 6   ARG A CD  1 
ATOM   53  N NE  . ARG A 1 8  ? -0.729  18.504  4.251   1.00 16.90 ? 6   ARG A NE  1 
ATOM   54  C CZ  . ARG A 1 8  ? -1.702  18.111  5.087   1.00 17.95 ? 6   ARG A CZ  1 
ATOM   55  N NH1 . ARG A 1 8  ? -1.917  18.794  6.183   1.00 20.26 ? 6   ARG A NH1 1 
ATOM   56  N NH2 . ARG A 1 8  ? -2.484  17.026  4.821   1.00 15.04 ? 6   ARG A NH2 1 
ATOM   57  N N   . CYS A 1 9  ? -1.107  13.437  0.433   1.00 9.48  ? 7   CYS A N   1 
ATOM   58  C CA  . CYS A 1 9  ? -1.644  12.505  -0.533  1.00 9.54  ? 7   CYS A CA  1 
ATOM   59  C C   . CYS A 1 9  ? -3.130  12.808  -0.802  1.00 10.51 ? 7   CYS A C   1 
ATOM   60  O O   . CYS A 1 9  ? -3.838  13.378  0.061   1.00 8.43  ? 7   CYS A O   1 
ATOM   61  C CB  . CYS A 1 9  ? -1.505  11.047  -0.041  1.00 9.31  ? 7   CYS A CB  1 
ATOM   62  S SG  . CYS A 1 9  ? -2.227  10.782  1.590   1.00 8.91  ? 7   CYS A SG  1 
ATOM   63  N N   . TYR A 1 10 ? -3.571  12.456  -1.997  1.00 10.69 ? 8   TYR A N   1 
ATOM   64  C CA  . TYR A 1 10 ? -4.996  12.337  -2.298  1.00 11.84 ? 8   TYR A CA  1 
ATOM   65  C C   . TYR A 1 10 ? -5.446  10.840  -2.364  1.00 11.83 ? 8   TYR A C   1 
ATOM   66  O O   . TYR A 1 10 ? -6.461  10.485  -1.866  1.00 9.96  ? 8   TYR A O   1 
ATOM   67  C CB  . TYR A 1 10 ? -5.341  13.037  -3.614  1.00 12.98 ? 8   TYR A CB  1 
ATOM   68  C CG  . TYR A 1 10 ? -6.841  13.100  -3.816  1.00 13.96 ? 8   TYR A CG  1 
ATOM   69  C CD1 . TYR A 1 10 ? -7.634  13.854  -2.955  1.00 15.61 ? 8   TYR A CD1 1 
ATOM   70  C CD2 . TYR A 1 10 ? -7.473  12.344  -4.833  1.00 17.72 ? 8   TYR A CD2 1 
ATOM   71  C CE1 . TYR A 1 10 ? -9.051  13.861  -3.065  1.00 18.77 ? 8   TYR A CE1 1 
ATOM   72  C CE2 . TYR A 1 10 ? -8.877  12.373  -4.990  1.00 18.07 ? 8   TYR A CE2 1 
ATOM   73  C CZ  . TYR A 1 10 ? -9.656  13.117  -4.080  1.00 18.46 ? 8   TYR A CZ  1 
ATOM   74  O OH  . TYR A 1 10 ? -11.031 13.128  -4.196  1.00 22.15 ? 8   TYR A OH  1 
ATOM   75  N N   . ARG A 1 11 ? -4.644  10.027  -3.017  1.00 12.28 ? 9   ARG A N   1 
ATOM   76  C CA  . ARG A 1 11 ? -4.892  8.599   -3.165  1.00 12.87 ? 9   ARG A CA  1 
ATOM   77  C C   . ARG A 1 11 ? -3.721  7.825   -2.578  1.00 11.15 ? 9   ARG A C   1 
ATOM   78  O O   . ARG A 1 11 ? -2.609  8.306   -2.554  1.00 9.96  ? 9   ARG A O   1 
ATOM   79  C CB  . ARG A 1 11 ? -5.002  8.233   -4.663  1.00 14.88 ? 9   ARG A CB  1 
ATOM   80  C CG  . ARG A 1 11 ? -6.107  8.930   -5.450  1.00 16.89 ? 9   ARG A CG  1 
ATOM   81  C CD  . ARG A 1 11 ? -7.491  8.635   -4.900  1.00 20.97 ? 9   ARG A CD  1 
ATOM   82  N NE  . ARG A 1 11 ? -7.749  7.199   -4.810  1.00 24.37 ? 9   ARG A NE  1 
ATOM   83  C CZ  . ARG A 1 11 ? -8.053  6.399   -5.846  1.00 25.91 ? 9   ARG A CZ  1 
ATOM   84  N NH1 . ARG A 1 11 ? -8.133  6.889   -7.070  1.00 26.68 ? 9   ARG A NH1 1 
ATOM   85  N NH2 . ARG A 1 11 ? -8.253  5.068   -5.642  1.00 23.91 ? 9   ARG A NH2 1 
ATOM   86  N N   . SER A 1 12 ? -3.980  6.590   -2.166  1.00 10.55 ? 10  SER A N   1 
ATOM   87  C CA  . SER A 1 12 ? -3.019  5.796   -1.450  1.00 10.14 ? 10  SER A CA  1 
ATOM   88  C C   . SER A 1 12 ? -1.726  5.512   -2.216  1.00 11.05 ? 10  SER A C   1 
ATOM   89  O O   . SER A 1 12 ? -0.611  5.534   -1.612  1.00 10.62 ? 10  SER A O   1 
ATOM   90  C CB  . SER A 1 12 ? -3.681  4.485   -0.911  1.00 10.32 ? 10  SER A CB  1 
ATOM   91  O OG  . SER A 1 12 ? -4.614  4.799   0.134   1.00 8.80  ? 10  SER A OG  1 
ATOM   92  N N   . PRO A 1 13 ? -1.822  5.318   -3.546  1.00 11.73 ? 11  PRO A N   1 
ATOM   93  C CA  . PRO A 1 13 ? -0.597  5.144   -4.328  1.00 11.10 ? 11  PRO A CA  1 
ATOM   94  C C   . PRO A 1 13 ? 0.382   6.351   -4.279  1.00 9.92  ? 11  PRO A C   1 
ATOM   95  O O   . PRO A 1 13 ? 1.624   6.178   -4.537  1.00 9.70  ? 11  PRO A O   1 
ATOM   96  C CB  . PRO A 1 13 ? -1.137  4.926   -5.752  1.00 12.15 ? 11  PRO A CB  1 
ATOM   97  C CG  . PRO A 1 13 ? -2.424  4.208   -5.516  1.00 12.43 ? 11  PRO A CG  1 
ATOM   98  C CD  . PRO A 1 13 ? -3.024  4.928   -4.334  1.00 11.69 ? 11  PRO A CD  1 
ATOM   99  N N   . ASP A 1 14 ? -0.151  7.540   -3.949  1.00 10.07 ? 12  ASP A N   1 
ATOM   100 C CA  . ASP A 1 14 ? 0.690   8.748   -3.738  1.00 10.87 ? 12  ASP A CA  1 
ATOM   101 C C   . ASP A 1 14 ? 1.754   8.525   -2.658  1.00 10.30 ? 12  ASP A C   1 
ATOM   102 O O   . ASP A 1 14 ? 2.691   9.282   -2.584  1.00 10.62 ? 12  ASP A O   1 
ATOM   103 C CB  . ASP A 1 14 ? -0.143  9.990   -3.330  1.00 9.82  ? 12  ASP A CB  1 
ATOM   104 C CG  . ASP A 1 14 ? -1.264  10.333  -4.323  1.00 11.22 ? 12  ASP A CG  1 
ATOM   105 O OD1 . ASP A 1 14 ? -1.348  9.723   -5.443  1.00 11.10 ? 12  ASP A OD1 1 
ATOM   106 O OD2 . ASP A 1 14 ? -2.050  11.236  -3.992  1.00 8.70  ? 12  ASP A OD2 1 
ATOM   107 N N   . CYS A 1 15 ? 1.537   7.512   -1.792  1.00 9.99  ? 13  CYS A N   1 
ATOM   108 C CA  . CYS A 1 15 ? 2.334   7.275   -0.587  1.00 10.32 ? 13  CYS A CA  1 
ATOM   109 C C   . CYS A 1 15 ? 3.455   6.297   -0.791  1.00 10.18 ? 13  CYS A C   1 
ATOM   110 O O   . CYS A 1 15 ? 4.314   6.162   0.069   1.00 9.92  ? 13  CYS A O   1 
ATOM   111 C CB  . CYS A 1 15 ? 1.402   6.773   0.577   1.00 10.15 ? 13  CYS A CB  1 
ATOM   112 S SG  . CYS A 1 15 ? 0.156   8.037   1.015   1.00 9.45  ? 13  CYS A SG  1 
ATOM   113 N N   . TYR A 1 16 ? 3.465   5.614   -1.926  1.00 10.83 ? 14  TYR A N   1 
ATOM   114 C CA  . TYR A 1 16 ? 4.393   4.485   -2.090  1.00 11.36 ? 14  TYR A CA  1 
ATOM   115 C C   . TYR A 1 16 ? 5.879   4.904   -2.020  1.00 11.10 ? 14  TYR A C   1 
ATOM   116 O O   . TYR A 1 16 ? 6.688   4.258   -1.326  1.00 11.63 ? 14  TYR A O   1 
ATOM   117 C CB  . TYR A 1 16 ? 4.081   3.750   -3.411  1.00 12.36 ? 14  TYR A CB  1 
ATOM   118 C CG  . TYR A 1 16 ? 5.054   2.670   -3.785  1.00 14.28 ? 14  TYR A CG  1 
ATOM   119 C CD1 . TYR A 1 16 ? 5.225   1.520   -2.985  1.00 16.60 ? 14  TYR A CD1 1 
ATOM   120 C CD2 . TYR A 1 16 ? 5.739   2.727   -5.012  1.00 14.92 ? 14  TYR A CD2 1 
ATOM   121 C CE1 . TYR A 1 16 ? 6.140   0.483   -3.372  1.00 16.64 ? 14  TYR A CE1 1 
ATOM   122 C CE2 . TYR A 1 16 ? 6.596   1.705   -5.409  1.00 15.92 ? 14  TYR A CE2 1 
ATOM   123 C CZ  . TYR A 1 16 ? 6.790   0.593   -4.595  1.00 17.54 ? 14  TYR A CZ  1 
ATOM   124 O OH  . TYR A 1 16 ? 7.643   -0.379  -5.038  1.00 20.84 ? 14  TYR A OH  1 
ATOM   125 N N   . SER A 1 17 ? 6.239   5.971   -2.721  1.00 12.35 ? 15  SER A N   1 
ATOM   126 C CA  . SER A 1 17 ? 7.665   6.378   -2.832  1.00 13.64 ? 15  SER A CA  1 
ATOM   127 C C   . SER A 1 17 ? 8.229   6.809   -1.455  1.00 13.73 ? 15  SER A C   1 
ATOM   128 O O   . SER A 1 17 ? 9.453   6.695   -1.191  1.00 13.71 ? 15  SER A O   1 
ATOM   129 C CB  . SER A 1 17 ? 7.810   7.498   -3.878  1.00 15.05 ? 15  SER A CB  1 
ATOM   130 O OG  . SER A 1 17 ? 7.147   8.662   -3.437  1.00 15.00 ? 15  SER A OG  1 
ATOM   131 N N   . ALA A 1 18 ? 7.315   7.174   -0.527  1.00 12.37 ? 16  ALA A N   1 
ATOM   132 C CA  . ALA A 1 18 ? 7.700   7.551   0.814   1.00 13.18 ? 16  ALA A CA  1 
ATOM   133 C C   . ALA A 1 18 ? 7.675   6.317   1.754   1.00 14.60 ? 16  ALA A C   1 
ATOM   134 O O   . ALA A 1 18 ? 8.683   6.005   2.433   1.00 14.91 ? 16  ALA A O   1 
ATOM   135 C CB  . ALA A 1 18 ? 6.758   8.651   1.327   1.00 14.42 ? 16  ALA A CB  1 
ATOM   136 N N   . CYS A 1 19 ? 6.520   5.650   1.824   1.00 12.79 ? 17  CYS A N   1 
ATOM   137 C CA  . CYS A 1 19 ? 6.337   4.530   2.792   1.00 14.26 ? 17  CYS A CA  1 
ATOM   138 C C   . CYS A 1 19 ? 7.298   3.365   2.547   1.00 12.17 ? 17  CYS A C   1 
ATOM   139 O O   . CYS A 1 19 ? 7.729   2.711   3.496   1.00 13.02 ? 17  CYS A O   1 
ATOM   140 C CB  . CYS A 1 19 ? 4.873   4.006   2.761   1.00 13.79 ? 17  CYS A CB  1 
ATOM   141 S SG  . CYS A 1 19 ? 3.679   5.164   3.412   1.00 12.69 ? 17  CYS A SG  1 
ATOM   142 N N   . LYS A 1 20 ? 7.607   3.104   1.301   1.00 11.61 ? 18  LYS A N   1 
ATOM   143 C CA  . LYS A 1 20 ? 8.469   1.957   0.970   1.00 14.40 ? 18  LYS A CA  1 
ATOM   144 C C   . LYS A 1 20 ? 9.890   2.114   1.553   1.00 13.22 ? 18  LYS A C   1 
ATOM   145 O O   . LYS A 1 20 ? 10.659  1.173   1.531   1.00 16.43 ? 18  LYS A O   1 
ATOM   146 C CB  . LYS A 1 20 ? 8.558   1.737   -0.555  1.00 14.19 ? 18  LYS A CB  1 
ATOM   147 C CG  . LYS A 1 20 ? 9.445   2.766   -1.293  1.00 16.29 ? 18  LYS A CG  1 
ATOM   148 C CD  . LYS A 1 20 ? 9.074   2.863   -2.763  1.00 22.07 ? 18  LYS A CD  1 
ATOM   149 C CE  . LYS A 1 20 ? 10.178  2.559   -3.672  1.00 30.36 ? 18  LYS A CE  1 
ATOM   150 N NZ  . LYS A 1 20 ? 10.782  1.208   -3.311  1.00 38.77 ? 18  LYS A NZ  1 
ATOM   151 N N   . LYS A 1 21 ? 10.246  3.325   1.966   1.00 14.12 ? 19  LYS A N   1 
ATOM   152 C CA  . LYS A 1 21 ? 11.542  3.598   2.632   1.00 13.47 ? 19  LYS A CA  1 
ATOM   153 C C   . LYS A 1 21 ? 11.565  3.271   4.112   1.00 14.40 ? 19  LYS A C   1 
ATOM   154 O O   . LYS A 1 21 ? 12.641  3.306   4.751   1.00 15.30 ? 19  LYS A O   1 
ATOM   155 C CB  . LYS A 1 21 ? 11.933  5.059   2.406   1.00 16.74 ? 19  LYS A CB  1 
ATOM   156 C CG  . LYS A 1 21 ? 12.174  5.371   0.912   1.00 20.49 ? 19  LYS A CG  1 
ATOM   157 C CD  . LYS A 1 21 ? 12.151  6.855   0.650   1.00 24.96 ? 19  LYS A CD  1 
ATOM   158 C CE  . LYS A 1 21 ? 12.679  7.188   -0.752  1.00 26.72 ? 19  LYS A CE  1 
ATOM   159 N NZ  . LYS A 1 21 ? 12.293  6.168   -1.780  1.00 28.81 ? 19  LYS A NZ  1 
ATOM   160 N N   . LEU A 1 22 ? 10.417  2.907   4.656   1.00 15.64 ? 20  LEU A N   1 
ATOM   161 C CA  . LEU A 1 22 ? 10.297  2.489   6.021   1.00 16.26 ? 20  LEU A CA  1 
ATOM   162 C C   . LEU A 1 22 ? 10.327  0.977   6.194   1.00 16.44 ? 20  LEU A C   1 
ATOM   163 O O   . LEU A 1 22 ? 9.625   0.219   5.482   1.00 16.56 ? 20  LEU A O   1 
ATOM   164 C CB  . LEU A 1 22 ? 9.008   3.038   6.623   1.00 18.77 ? 20  LEU A CB  1 
ATOM   165 C CG  . LEU A 1 22 ? 8.940   4.552   6.873   1.00 19.28 ? 20  LEU A CG  1 
ATOM   166 C CD1 . LEU A 1 22 ? 7.579   4.887   7.495   1.00 20.31 ? 20  LEU A CD1 1 
ATOM   167 C CD2 . LEU A 1 22 ? 10.065  5.017   7.821   1.00 22.03 ? 20  LEU A CD2 1 
ATOM   168 N N   . VAL A 1 23 ? 11.134  0.538   7.145   1.00 18.67 ? 21  VAL A N   1 
ATOM   169 C CA  . VAL A 1 23 ? 11.286  -0.886  7.464   1.00 22.28 ? 21  VAL A CA  1 
ATOM   170 C C   . VAL A 1 23 ? 9.890   -1.592  7.500   1.00 22.80 ? 21  VAL A C   1 
ATOM   171 O O   . VAL A 1 23 ? 8.991   -1.186  8.277   1.00 23.71 ? 21  VAL A O   1 
ATOM   172 C CB  . VAL A 1 23 ? 12.034  -1.086  8.878   1.00 24.09 ? 21  VAL A CB  1 
ATOM   173 C CG1 . VAL A 1 23 ? 11.985  -2.538  9.315   1.00 29.99 ? 21  VAL A CG1 1 
ATOM   174 C CG2 . VAL A 1 23 ? 13.514  -0.625  8.808   1.00 29.46 ? 21  VAL A CG2 1 
ATOM   175 N N   . GLY A 1 24 ? 9.716   -2.601  6.646   1.00 22.70 ? 22  GLY A N   1 
ATOM   176 C CA  . GLY A 1 24 ? 8.504   -3.407  6.622   1.00 23.63 ? 22  GLY A CA  1 
ATOM   177 C C   . GLY A 1 24 ? 7.273   -2.732  6.010   1.00 26.58 ? 22  GLY A C   1 
ATOM   178 O O   . GLY A 1 24 ? 6.168   -3.303  6.056   1.00 23.85 ? 22  GLY A O   1 
ATOM   179 N N   . LYS A 1 25 ? 7.431   -1.520  5.427   1.00 22.37 ? 23  LYS A N   1 
ATOM   180 C CA  . LYS A 1 25 ? 6.243   -0.807  4.841   1.00 21.75 ? 23  LYS A CA  1 
ATOM   181 C C   . LYS A 1 25 ? 6.293   -0.865  3.355   1.00 21.31 ? 23  LYS A C   1 
ATOM   182 O O   . LYS A 1 25 ? 7.357   -1.161  2.760   1.00 20.46 ? 23  LYS A O   1 
ATOM   183 C CB  . LYS A 1 25 ? 6.184   0.654   5.319   1.00 20.22 ? 23  LYS A CB  1 
ATOM   184 C CG  . LYS A 1 25 ? 6.210   0.835   6.818   1.00 20.25 ? 23  LYS A CG  1 
ATOM   185 C CD  . LYS A 1 25 ? 5.018   0.207   7.466   1.00 24.20 ? 23  LYS A CD  1 
ATOM   186 C CE  . LYS A 1 25 ? 5.042   0.427   8.947   1.00 27.73 ? 23  LYS A CE  1 
ATOM   187 N NZ  . LYS A 1 25 ? 3.706   0.428   9.522   1.00 32.21 ? 23  LYS A NZ  1 
ATOM   188 N N   . ALA A 1 26 ? 5.154   -0.606  2.709   1.00 19.74 ? 24  ALA A N   1 
ATOM   189 C CA  . ALA A 1 26 ? 5.128   -0.582  1.262   1.00 17.70 ? 24  ALA A CA  1 
ATOM   190 C C   . ALA A 1 26 ? 4.389   0.658   0.727   1.00 18.48 ? 24  ALA A C   1 
ATOM   191 O O   . ALA A 1 26 ? 5.021   1.695   0.494   1.00 17.77 ? 24  ALA A O   1 
ATOM   192 C CB  . ALA A 1 26 ? 4.564   -1.866  0.717   1.00 18.56 ? 24  ALA A CB  1 
ATOM   193 N N   . THR A 1 27 ? 3.070   0.566   0.575   1.00 17.77 ? 25  THR A N   1 
ATOM   194 C CA  . THR A 1 27 ? 2.274   1.661   0.009   1.00 17.03 ? 25  THR A CA  1 
ATOM   195 C C   . THR A 1 27 ? 1.673   2.528   1.073   1.00 16.52 ? 25  THR A C   1 
ATOM   196 O O   . THR A 1 27 ? 1.766   3.746   0.993   1.00 19.28 ? 25  THR A O   1 
ATOM   197 C CB  . THR A 1 27 ? 1.169   1.120   -0.885  1.00 15.56 ? 25  THR A CB  1 
ATOM   198 O OG1 . THR A 1 27 ? 1.757   0.295   -1.870  1.00 19.49 ? 25  THR A OG1 1 
ATOM   199 C CG2 . THR A 1 27 ? 0.358   2.274   -1.587  1.00 15.14 ? 25  THR A CG2 1 
ATOM   200 N N   . GLY A 1 28 ? 1.017   1.914   2.043   1.00 15.17 ? 26  GLY A N   1 
ATOM   201 C CA  . GLY A 1 28 ? 0.283   2.641   3.050   1.00 17.15 ? 26  GLY A CA  1 
ATOM   202 C C   . GLY A 1 28 ? -1.129  3.009   2.594   1.00 15.32 ? 26  GLY A C   1 
ATOM   203 O O   . GLY A 1 28 ? -1.594  2.572   1.519   1.00 15.14 ? 26  GLY A O   1 
ATOM   204 N N   . LYS A 1 29 ? -1.820  3.808   3.407   1.00 14.36 ? 27  LYS A N   1 
ATOM   205 C CA  . LYS A 1 29 ? -3.079  4.400   2.987   1.00 14.25 ? 27  LYS A CA  1 
ATOM   206 C C   . LYS A 1 29 ? -3.055  5.904   3.197   1.00 12.37 ? 27  LYS A C   1 
ATOM   207 O O   . LYS A 1 29 ? -2.416  6.387   4.090   1.00 12.36 ? 27  LYS A O   1 
ATOM   208 C CB  . LYS A 1 29 ? -4.249  3.773   3.708   1.00 17.38 ? 27  LYS A CB  1 
ATOM   209 C CG  . LYS A 1 29 ? -4.235  3.949   5.205   1.00 22.59 ? 27  LYS A CG  1 
ATOM   210 C CD  . LYS A 1 29 ? -5.507  3.435   5.828   1.00 25.17 ? 27  LYS A CD  1 
ATOM   211 C CE  . LYS A 1 29 ? -5.588  3.795   7.287   1.00 30.80 ? 27  LYS A CE  1 
ATOM   212 N NZ  . LYS A 1 29 ? -6.869  3.341   7.872   1.00 35.39 ? 27  LYS A NZ  1 
ATOM   213 N N   . CYS A 1 30 ? -3.774  6.611   2.349   1.00 11.05 ? 28  CYS A N   1 
ATOM   214 C CA  . CYS A 1 30 ? -3.985  8.047   2.493   1.00 10.51 ? 28  CYS A CA  1 
ATOM   215 C C   . CYS A 1 30 ? -5.185  8.288   3.385   1.00 11.15 ? 28  CYS A C   1 
ATOM   216 O O   . CYS A 1 30 ? -6.294  7.788   3.102   1.00 10.53 ? 28  CYS A O   1 
ATOM   217 C CB  . CYS A 1 30 ? -4.220  8.689   1.116   1.00 10.60 ? 28  CYS A CB  1 
ATOM   218 S SG  . CYS A 1 30 ? -4.198  10.456  1.202   1.00 11.22 ? 28  CYS A SG  1 
ATOM   219 N N   . THR A 1 31 ? -4.982  9.060   4.450   1.00 11.06 ? 29  THR A N   1 
ATOM   220 C CA  . THR A 1 31 ? -6.038  9.397   5.352   1.00 12.21 ? 29  THR A CA  1 
ATOM   221 C C   . THR A 1 31 ? -5.799  10.832  5.894   1.00 12.37 ? 29  THR A C   1 
ATOM   222 O O   . THR A 1 31 ? -4.672  11.194  6.239   1.00 10.54 ? 29  THR A O   1 
ATOM   223 C CB  . THR A 1 31 ? -6.115  8.402   6.520   1.00 14.10 ? 29  THR A CB  1 
ATOM   224 O OG1 . THR A 1 31 ? -7.290  8.668   7.245   1.00 20.31 ? 29  THR A OG1 1 
ATOM   225 C CG2 . THR A 1 31 ? -4.864  8.494   7.447   1.00 13.70 ? 29  THR A CG2 1 
ATOM   226 N N   . ASN A 1 32 ? -6.839  11.647  5.876   1.00 10.74 ? 30  ASN A N   1 
ATOM   227 C CA  . ASN A 1 32 ? -6.745  13.073  6.291   1.00 11.04 ? 30  ASN A CA  1 
ATOM   228 C C   . ASN A 1 32 ? -5.624  13.789  5.554   1.00 10.71 ? 30  ASN A C   1 
ATOM   229 O O   . ASN A 1 32 ? -4.929  14.635  6.115   1.00 9.62  ? 30  ASN A O   1 
ATOM   230 C CB  . ASN A 1 32 ? -6.577  13.197  7.794   1.00 10.17 ? 30  ASN A CB  1 
ATOM   231 C CG  . ASN A 1 32 ? -6.796  14.618  8.294   1.00 10.27 ? 30  ASN A CG  1 
ATOM   232 O OD1 . ASN A 1 32 ? -7.470  15.448  7.605   1.00 9.96  ? 30  ASN A OD1 1 
ATOM   233 N ND2 . ASN A 1 32 ? -6.285  14.918  9.521   1.00 9.24  ? 30  ASN A ND2 1 
ATOM   234 N N   . GLY A 1 33 ? -5.457  13.418  4.272   1.00 11.15 ? 31  GLY A N   1 
ATOM   235 C CA  . GLY A 1 33 ? -4.454  14.008  3.415   1.00 9.83  ? 31  GLY A CA  1 
ATOM   236 C C   . GLY A 1 33 ? -3.004  13.722  3.783   1.00 9.80  ? 31  GLY A C   1 
ATOM   237 O O   . GLY A 1 33 ? -2.087  14.403  3.255   1.00 10.34 ? 31  GLY A O   1 
ATOM   238 N N   . ARG A 1 34 ? -2.784  12.761  4.702   1.00 9.19  ? 32  ARG A N   1 
ATOM   239 C CA  . ARG A 1 34 ? -1.453  12.312  5.078   1.00 9.34  ? 32  ARG A CA  1 
ATOM   240 C C   . ARG A 1 34 ? -1.270  10.815  4.757   1.00 9.83  ? 32  ARG A C   1 
ATOM   241 O O   . ARG A 1 34 ? -2.201  10.062  4.784   1.00 8.91  ? 32  ARG A O   1 
ATOM   242 C CB  . ARG A 1 34 ? -1.222  12.469  6.573   1.00 9.50  ? 32  ARG A CB  1 
ATOM   243 C CG  . ARG A 1 34 ? -1.259  13.892  7.094   1.00 8.39  ? 32  ARG A CG  1 
ATOM   244 C CD  . ARG A 1 34 ? -0.029  14.687  6.693   1.00 9.17  ? 32  ARG A CD  1 
ATOM   245 N NE  . ARG A 1 34 ? -0.039  15.952  7.405   1.00 9.78  ? 32  ARG A NE  1 
ATOM   246 C CZ  . ARG A 1 34 ? 0.814   16.943  7.230   1.00 11.73 ? 32  ARG A CZ  1 
ATOM   247 N NH1 . ARG A 1 34 ? 1.858   16.803  6.451   1.00 12.56 ? 32  ARG A NH1 1 
ATOM   248 N NH2 . ARG A 1 34 ? 0.633   18.110  7.926   1.00 10.92 ? 32  ARG A NH2 1 
ATOM   249 N N   . CYS A 1 35 ? -0.017  10.423  4.556   1.00 9.70  ? 33  CYS A N   1 
ATOM   250 C CA  . CYS A 1 35 ? 0.341   9.026   4.284   1.00 11.45 ? 33  CYS A CA  1 
ATOM   251 C C   . CYS A 1 35 ? 0.480   8.254   5.622   1.00 11.29 ? 33  CYS A C   1 
ATOM   252 O O   . CYS A 1 35 ? 1.163   8.692   6.567   1.00 11.42 ? 33  CYS A O   1 
ATOM   253 C CB  . CYS A 1 35 ? 1.633   8.970   3.444   1.00 10.56 ? 33  CYS A CB  1 
ATOM   254 S SG  . CYS A 1 35 ? 1.363   9.504   1.757   1.00 10.46 ? 33  CYS A SG  1 
ATOM   255 N N   . ASP A 1 36 ? -0.287  7.199   5.731   1.00 13.31 ? 34  ASP A N   1 
ATOM   256 C CA  . ASP A 1 36 ? -0.305  6.346   6.909   1.00 12.55 ? 34  ASP A CA  1 
ATOM   257 C C   . ASP A 1 36 ? 0.308   5.025   6.490   1.00 13.50 ? 34  ASP A C   1 
ATOM   258 O O   . ASP A 1 36 ? -0.348  4.184   5.842   1.00 12.54 ? 34  ASP A O   1 
ATOM   259 C CB  . ASP A 1 36 ? -1.758  6.187   7.389   1.00 13.67 ? 34  ASP A CB  1 
ATOM   260 C CG  . ASP A 1 36 ? -1.886  5.275   8.583   1.00 15.09 ? 34  ASP A CG  1 
ATOM   261 O OD1 . ASP A 1 36 ? -0.849  4.903   9.190   1.00 16.15 ? 34  ASP A OD1 1 
ATOM   262 O OD2 . ASP A 1 36 ? -3.002  4.908   8.873   1.00 16.44 ? 34  ASP A OD2 1 
ATOM   263 N N   . CYS A 1 37 ? 1.582   4.850   6.811   1.00 14.39 ? 35  CYS A N   1 
ATOM   264 C CA  . CYS A 1 37 ? 2.363   3.770   6.226   1.00 14.93 ? 35  CYS A CA  1 
ATOM   265 C C   . CYS A 1 37 ? 2.133   2.443   6.982   1.00 18.16 ? 35  CYS A C   1 
ATOM   266 O O   . CYS A 1 37 ? 2.006   1.384   6.352   1.00 19.64 ? 35  CYS A O   1 
ATOM   267 C CB  . CYS A 1 37 ? 3.870   4.124   6.268   1.00 13.60 ? 35  CYS A CB  1 
ATOM   268 S SG  . CYS A 1 37 ? 4.308   5.557   5.280   1.00 13.05 ? 35  CYS A SG  1 
ATOM   269 O OXT . CYS A 1 37 ? 2.134   2.427   8.199   1.00 19.04 ? 35  CYS A OXT 1 
ATOM   270 N N   . SER B 1 2  ? -4.917  -6.774  7.464   1.00 53.93 ? 0   SER C N   1 
ATOM   271 C CA  . SER B 1 2  ? -4.135  -7.210  6.303   1.00 44.99 ? 0   SER C CA  1 
ATOM   272 C C   . SER B 1 2  ? -4.525  -8.645  5.847   1.00 41.85 ? 0   SER C C   1 
ATOM   273 O O   . SER B 1 2  ? -4.481  -9.605  6.643   1.00 46.25 ? 0   SER C O   1 
ATOM   274 C CB  . SER B 1 2  ? -2.656  -7.140  6.609   1.00 46.64 ? 0   SER C CB  1 
ATOM   275 O OG  . SER B 1 2  ? -2.147  -5.886  6.221   1.00 58.44 ? 0   SER C OG  1 
ATOM   276 N N   . VAL B 1 3  ? -4.868  -8.776  4.558   1.00 24.39 ? 1   VAL C N   1 
ATOM   277 C CA  . VAL B 1 3  ? -5.328  -10.043 3.996   1.00 21.88 ? 1   VAL C CA  1 
ATOM   278 C C   . VAL B 1 3  ? -4.446  -10.366 2.788   1.00 17.12 ? 1   VAL C C   1 
ATOM   279 O O   . VAL B 1 3  ? -4.227  -9.488  1.929   1.00 13.20 ? 1   VAL C O   1 
ATOM   280 C CB  . VAL B 1 3  ? -6.837  -9.970  3.579   1.00 20.66 ? 1   VAL C CB  1 
ATOM   281 C CG1 . VAL B 1 3  ? -7.088  -8.815  2.594   1.00 25.31 ? 1   VAL C CG1 1 
ATOM   282 C CG2 . VAL B 1 3  ? -7.307  -11.273 2.996   1.00 19.25 ? 1   VAL C CG2 1 
ATOM   283 N N   . VAL B 1 4  ? -3.914  -11.609 2.748   1.00 15.10 ? 2   VAL C N   1 
ATOM   284 C CA  . VAL B 1 4  ? -3.174  -12.077 1.598   1.00 15.55 ? 2   VAL C CA  1 
ATOM   285 C C   . VAL B 1 4  ? -4.134  -12.682 0.574   1.00 13.50 ? 2   VAL C C   1 
ATOM   286 O O   . VAL B 1 4  ? -4.841  -13.664 0.861   1.00 13.73 ? 2   VAL C O   1 
ATOM   287 C CB  . VAL B 1 4  ? -2.071  -13.118 1.979   1.00 13.74 ? 2   VAL C CB  1 
ATOM   288 C CG1 . VAL B 1 4  ? -1.252  -13.476 0.761   1.00 15.69 ? 2   VAL C CG1 1 
ATOM   289 C CG2 . VAL B 1 4  ? -1.165  -12.578 3.084   1.00 13.38 ? 2   VAL C CG2 1 
ATOM   290 N N   . ILE B 1 5  ? -4.102  -12.129 -0.638  1.00 11.88 ? 3   ILE C N   1 
ATOM   291 C CA  . ILE B 1 5  ? -5.044  -12.505 -1.703  1.00 11.92 ? 3   ILE C CA  1 
ATOM   292 C C   . ILE B 1 5  ? -4.317  -13.260 -2.784  1.00 11.42 ? 3   ILE C C   1 
ATOM   293 O O   . ILE B 1 5  ? -3.101  -13.409 -2.731  1.00 11.00 ? 3   ILE C O   1 
ATOM   294 C CB  . ILE B 1 5  ? -5.751  -11.252 -2.287  1.00 11.77 ? 3   ILE C CB  1 
ATOM   295 C CG1 . ILE B 1 5  ? -4.736  -10.258 -2.885  1.00 12.33 ? 3   ILE C CG1 1 
ATOM   296 C CG2 . ILE B 1 5  ? -6.547  -10.589 -1.201  1.00 13.49 ? 3   ILE C CG2 1 
ATOM   297 C CD1 . ILE B 1 5  ? -5.349  -9.228  -3.849  1.00 12.79 ? 3   ILE C CD1 1 
ATOM   298 N N   . GLY B 1 6  ? -5.074  -13.764 -3.751  1.00 10.45 ? 4   GLY C N   1 
ATOM   299 C CA  . GLY B 1 6  ? -4.525  -14.614 -4.818  1.00 10.90 ? 4   GLY C CA  1 
ATOM   300 C C   . GLY B 1 6  ? -3.715  -13.894 -5.921  1.00 10.61 ? 4   GLY C C   1 
ATOM   301 O O   . GLY B 1 6  ? -2.945  -14.522 -6.616  1.00 10.32 ? 4   GLY C O   1 
ATOM   302 N N   . GLN B 1 7  ? -3.934  -12.580 -6.057  1.00 10.68 ? 5   GLN C N   1 
ATOM   303 C CA  . GLN B 1 7  ? -3.267  -11.755 -7.042  1.00 11.06 ? 5   GLN C CA  1 
ATOM   304 C C   . GLN B 1 7  ? -1.776  -11.808 -6.850  1.00 11.32 ? 5   GLN C C   1 
ATOM   305 O O   . GLN B 1 7  ? -1.272  -11.560 -5.768  1.00 10.63 ? 5   GLN C O   1 
ATOM   306 C CB  . GLN B 1 7  ? -3.726  -10.320 -6.924  1.00 12.28 ? 5   GLN C CB  1 
ATOM   307 C CG  . GLN B 1 7  ? -3.203  -9.361  -8.023  1.00 12.94 ? 5   GLN C CG  1 
ATOM   308 C CD  . GLN B 1 7  ? -3.922  -9.564  -9.352  1.00 13.56 ? 5   GLN C CD  1 
ATOM   309 O OE1 . GLN B 1 7  ? -4.025  -10.667 -9.834  1.00 15.86 ? 5   GLN C OE1 1 
ATOM   310 N NE2 . GLN B 1 7  ? -4.438  -8.503  -9.906  1.00 12.97 ? 5   GLN C NE2 1 
ATOM   311 N N   . ARG B 1 8  ? -1.072  -12.179 -7.922  1.00 12.16 ? 6   ARG C N   1 
ATOM   312 C CA  . ARG B 1 8  ? 0.386   -12.244 -7.896  1.00 12.55 ? 6   ARG C CA  1 
ATOM   313 C C   . ARG B 1 8  ? 1.015   -10.884 -8.201  1.00 11.71 ? 6   ARG C C   1 
ATOM   314 O O   . ARG B 1 8  ? 0.349   -9.964  -8.764  1.00 10.42 ? 6   ARG C O   1 
ATOM   315 C CB  . ARG B 1 8  ? 0.872   -13.297 -8.822  1.00 13.29 ? 6   ARG C CB  1 
ATOM   316 C CG  . ARG B 1 8  ? 0.547   -14.701 -8.303  1.00 17.79 ? 6   ARG C CG  1 
ATOM   317 C CD  . ARG B 1 8  ? 1.591   -15.652 -8.720  1.00 23.40 ? 6   ARG C CD  1 
ATOM   318 N NE  . ARG B 1 8  ? 1.628   -16.875 -7.954  1.00 27.08 ? 6   ARG C NE  1 
ATOM   319 C CZ  . ARG B 1 8  ? 2.357   -17.090 -6.842  1.00 26.62 ? 6   ARG C CZ  1 
ATOM   320 N NH1 . ARG B 1 8  ? 2.320   -18.286 -6.289  1.00 30.25 ? 6   ARG C NH1 1 
ATOM   321 N NH2 . ARG B 1 8  ? 3.045   -16.111 -6.238  1.00 20.22 ? 6   ARG C NH2 1 
ATOM   322 N N   . CYS B 1 9  ? 2.269   -10.721 -7.786  1.00 11.05 ? 7   CYS C N   1 
ATOM   323 C CA  . CYS B 1 9  ? 2.943   -9.419  -7.883  1.00 9.56  ? 7   CYS C CA  1 
ATOM   324 C C   . CYS B 1 9  ? 4.422   -9.546  -7.897  1.00 9.87  ? 7   CYS C C   1 
ATOM   325 O O   . CYS B 1 9  ? 5.003   -10.491 -7.341  1.00 9.20  ? 7   CYS C O   1 
ATOM   326 C CB  . CYS B 1 9  ? 2.540   -8.504  -6.741  1.00 10.58 ? 7   CYS C CB  1 
ATOM   327 S SG  . CYS B 1 9  ? 2.795   -9.240  -5.125  1.00 11.23 ? 7   CYS C SG  1 
ATOM   328 N N   . TYR B 1 10 ? 5.044   -8.592  -8.559  1.00 9.39  ? 8   TYR C N   1 
ATOM   329 C CA  . TYR B 1 10 ? 6.491   -8.403  -8.517  1.00 10.91 ? 8   TYR C CA  1 
ATOM   330 C C   . TYR B 1 10 ? 6.863   -7.234  -7.543  1.00 11.56 ? 8   TYR C C   1 
ATOM   331 O O   . TYR B 1 10 ? 7.816   -7.339  -6.765  1.00 9.91  ? 8   TYR C O   1 
ATOM   332 C CB  . TYR B 1 10 ? 7.006   -8.081  -9.894  1.00 12.00 ? 8   TYR C CB  1 
ATOM   333 C CG  . TYR B 1 10 ? 8.462   -7.659  -9.939  1.00 13.52 ? 8   TYR C CG  1 
ATOM   334 C CD1 . TYR B 1 10 ? 9.487   -8.587  -9.699  1.00 14.06 ? 8   TYR C CD1 1 
ATOM   335 C CD2 . TYR B 1 10 ? 8.836   -6.312  -10.319 1.00 15.72 ? 8   TYR C CD2 1 
ATOM   336 C CE1 . TYR B 1 10 ? 10.849  -8.202  -9.732  1.00 18.01 ? 8   TYR C CE1 1 
ATOM   337 C CE2 . TYR B 1 10 ? 10.207  -5.930  -10.381 1.00 16.07 ? 8   TYR C CE2 1 
ATOM   338 C CZ  . TYR B 1 10 ? 11.199  -6.885  -10.069 1.00 16.75 ? 8   TYR C CZ  1 
ATOM   339 O OH  . TYR B 1 10 ? 12.529  -6.545  -10.143 1.00 23.10 ? 8   TYR C OH  1 
ATOM   340 N N   . ARG B 1 11 ? 6.146   -6.152  -7.671  1.00 11.17 ? 9   ARG C N   1 
ATOM   341 C CA  A ARG B 1 11 ? 6.300   -5.038  -6.739  0.50 13.12 ? 9   ARG C CA  1 
ATOM   342 C CA  B ARG B 1 11 ? 6.307   -4.945  -6.829  0.50 12.08 ? 9   ARG C CA  1 
ATOM   343 C C   . ARG B 1 11 ? 4.938   -4.580  -6.310  1.00 11.05 ? 9   ARG C C   1 
ATOM   344 O O   . ARG B 1 11 ? 3.953   -4.947  -6.891  1.00 9.72  ? 9   ARG C O   1 
ATOM   345 C CB  A ARG B 1 11 ? 7.109   -3.889  -7.385  0.50 16.13 ? 9   ARG C CB  1 
ATOM   346 C CB  B ARG B 1 11 ? 6.881   -3.755  -7.681  0.50 13.05 ? 9   ARG C CB  1 
ATOM   347 C CG  A ARG B 1 11 ? 8.634   -4.121  -7.389  0.50 18.54 ? 9   ARG C CG  1 
ATOM   348 C CG  B ARG B 1 11 ? 6.045   -3.400  -8.909  0.50 13.86 ? 9   ARG C CG  1 
ATOM   349 C CD  A ARG B 1 11 ? 9.381   -2.884  -7.900  0.50 22.90 ? 9   ARG C CD  1 
ATOM   350 C CD  B ARG B 1 11 ? 6.638   -2.273  -9.746  0.50 16.04 ? 9   ARG C CD  1 
ATOM   351 N NE  A ARG B 1 11 ? 10.026  -2.151  -6.814  0.50 26.39 ? 9   ARG C NE  1 
ATOM   352 N NE  B ARG B 1 11 ? 7.525   -1.391  -8.984  0.50 17.39 ? 9   ARG C NE  1 
ATOM   353 C CZ  A ARG B 1 11 ? 10.186  -0.826  -6.779  0.50 27.82 ? 9   ARG C CZ  1 
ATOM   354 C CZ  B ARG B 1 11 ? 7.377   -0.090  -8.890  0.50 17.31 ? 9   ARG C CZ  1 
ATOM   355 N NH1 A ARG B 1 11 ? 9.720   -0.057  -7.751  0.50 31.42 ? 9   ARG C NH1 1 
ATOM   356 N NH1 B ARG B 1 11 ? 6.393   0.504   -9.500  0.50 20.65 ? 9   ARG C NH1 1 
ATOM   357 N NH2 A ARG B 1 11 ? 10.778  -0.277  -5.768  0.50 25.94 ? 9   ARG C NH2 1 
ATOM   358 N NH2 B ARG B 1 11 ? 8.250   0.625   -8.187  0.50 18.33 ? 9   ARG C NH2 1 
ATOM   359 N N   . SER B 1 12 ? 4.896   -3.831  -5.252  1.00 10.51 ? 10  SER C N   1 
ATOM   360 C CA  . SER B 1 12 ? 3.654   -3.528  -4.584  1.00 11.25 ? 10  SER C CA  1 
ATOM   361 C C   . SER B 1 12 ? 2.558   -2.819  -5.442  1.00 11.26 ? 10  SER C C   1 
ATOM   362 O O   . SER B 1 12 ? 1.384   -3.126  -5.289  1.00 11.42 ? 10  SER C O   1 
ATOM   363 C CB  . SER B 1 12 ? 3.942   -2.800  -3.265  1.00 13.36 ? 10  SER C CB  1 
ATOM   364 O OG  . SER B 1 12 ? 4.688   -3.717  -2.389  1.00 13.62 ? 10  SER C OG  1 
ATOM   365 N N   . PRO B 1 13 ? 2.948   -1.920  -6.386  1.00 11.98 ? 11  PRO C N   1 
ATOM   366 C CA  . PRO B 1 13 ? 1.895   -1.287  -7.212  1.00 12.00 ? 11  PRO C CA  1 
ATOM   367 C C   . PRO B 1 13 ? 1.183   -2.231  -8.203  1.00 11.59 ? 11  PRO C C   1 
ATOM   368 O O   . PRO B 1 13 ? 0.090   -1.876  -8.718  1.00 9.56  ? 11  PRO C O   1 
ATOM   369 C CB  . PRO B 1 13 ? 2.646   -0.154  -7.947  1.00 12.82 ? 11  PRO C CB  1 
ATOM   370 C CG  . PRO B 1 13 ? 3.762   0.152   -7.036  1.00 12.77 ? 11  PRO C CG  1 
ATOM   371 C CD  . PRO B 1 13 ? 4.222   -1.192  -6.518  1.00 13.89 ? 11  PRO C CD  1 
ATOM   372 N N   . ASP B 1 14 ? 1.711   -3.467  -8.355  1.00 10.71 ? 12  ASP C N   1 
ATOM   373 C CA  . ASP B 1 14 ? 1.010   -4.528  -9.080  1.00 11.59 ? 12  ASP C CA  1 
ATOM   374 C C   . ASP B 1 14 ? -0.318  -4.914  -8.378  1.00 9.17  ? 12  ASP C C   1 
ATOM   375 O O   . ASP B 1 14 ? -1.182  -5.582  -8.979  1.00 8.54  ? 12  ASP C O   1 
ATOM   376 C CB  . ASP B 1 14 ? 1.861   -5.803  -9.189  1.00 12.22 ? 12  ASP C CB  1 
ATOM   377 C CG  . ASP B 1 14 ? 3.161   -5.600  -9.997  1.00 13.07 ? 12  ASP C CG  1 
ATOM   378 O OD1 . ASP B 1 14 ? 3.298   -4.582  -10.713 1.00 12.59 ? 12  ASP C OD1 1 
ATOM   379 O OD2 . ASP B 1 14 ? 4.028   -6.504  -9.931  1.00 10.69 ? 12  ASP C OD2 1 
ATOM   380 N N   . CYS B 1 15 ? -0.424  -4.539  -7.113  1.00 9.62  ? 13  CYS C N   1 
ATOM   381 C CA  . CYS B 1 15 ? -1.536  -4.948  -6.229  1.00 9.80  ? 13  CYS C CA  1 
ATOM   382 C C   . CYS B 1 15 ? -2.677  -3.953  -6.151  1.00 10.15 ? 13  CYS C C   1 
ATOM   383 O O   . CYS B 1 15 ? -3.717  -4.278  -5.624  1.00 9.08  ? 13  CYS C O   1 
ATOM   384 C CB  . CYS B 1 15 ? -0.979  -5.176  -4.818  1.00 11.03 ? 13  CYS C CB  1 
ATOM   385 S SG  . CYS B 1 15 ? 0.214   -6.497  -4.737  1.00 11.74 ? 13  CYS C SG  1 
ATOM   386 N N   . TYR B 1 16 ? -2.468  -2.705  -6.614  1.00 10.69 ? 14  TYR C N   1 
ATOM   387 C CA  . TYR B 1 16 ? -3.447  -1.623  -6.334  1.00 11.82 ? 14  TYR C CA  1 
ATOM   388 C C   . TYR B 1 16 ? -4.856  -1.923  -6.834  1.00 11.54 ? 14  TYR C C   1 
ATOM   389 O O   . TYR B 1 16 ? -5.795  -1.700  -6.107  1.00 11.82 ? 14  TYR C O   1 
ATOM   390 C CB  . TYR B 1 16 ? -2.958  -0.225  -6.894  1.00 13.04 ? 14  TYR C CB  1 
ATOM   391 C CG  . TYR B 1 16 ? -1.696  0.272   -6.257  1.00 14.31 ? 14  TYR C CG  1 
ATOM   392 C CD1 . TYR B 1 16 ? -1.223  -0.305  -5.113  1.00 15.72 ? 14  TYR C CD1 1 
ATOM   393 C CD2 . TYR B 1 16 ? -0.934  1.284   -6.839  1.00 17.63 ? 14  TYR C CD2 1 
ATOM   394 C CE1 . TYR B 1 16 ? -0.086  0.106   -4.525  1.00 21.07 ? 14  TYR C CE1 1 
ATOM   395 C CE2 . TYR B 1 16 ? 0.264   1.727   -6.217  1.00 18.62 ? 14  TYR C CE2 1 
ATOM   396 C CZ  . TYR B 1 16 ? 0.668   1.104   -5.073  1.00 17.53 ? 14  TYR C CZ  1 
ATOM   397 O OH  . TYR B 1 16 ? 1.807   1.464   -4.392  1.00 24.42 ? 14  TYR C OH  1 
ATOM   398 N N   . SER B 1 17 ? -5.010  -2.451  -8.041  1.00 11.69 ? 15  SER C N   1 
ATOM   399 C CA  . SER B 1 17 ? -6.378  -2.653  -8.571  1.00 13.57 ? 15  SER C CA  1 
ATOM   400 C C   . SER B 1 17 ? -7.081  -3.776  -7.827  1.00 13.00 ? 15  SER C C   1 
ATOM   401 O O   . SER B 1 17 ? -8.266  -3.659  -7.505  1.00 11.81 ? 15  SER C O   1 
ATOM   402 C CB  . SER B 1 17 ? -6.409  -2.867  -10.066 1.00 16.31 ? 15  SER C CB  1 
ATOM   403 O OG  . SER B 1 17 ? -5.750  -4.024  -10.449 1.00 21.30 ? 15  SER C OG  1 
ATOM   404 N N   . ALA B 1 18 ? -6.340  -4.826  -7.489  1.00 12.58 ? 16  ALA C N   1 
ATOM   405 C CA  . ALA B 1 18 ? -6.898  -5.931  -6.711  1.00 11.70 ? 16  ALA C CA  1 
ATOM   406 C C   . ALA B 1 18 ? -7.299  -5.470  -5.262  1.00 12.37 ? 16  ALA C C   1 
ATOM   407 O O   . ALA B 1 18 ? -8.406  -5.790  -4.783  1.00 10.82 ? 16  ALA C O   1 
ATOM   408 C CB  . ALA B 1 18 ? -5.922  -7.151  -6.663  1.00 12.48 ? 16  ALA C CB  1 
ATOM   409 N N   . CYS B 1 19 ? -6.408  -4.798  -4.563  1.00 11.04 ? 17  CYS C N   1 
ATOM   410 C CA  . CYS B 1 19 ? -6.728  -4.382  -3.195  1.00 11.82 ? 17  CYS C CA  1 
ATOM   411 C C   . CYS B 1 19 ? -7.853  -3.372  -3.173  1.00 12.63 ? 17  CYS C C   1 
ATOM   412 O O   . CYS B 1 19 ? -8.627  -3.318  -2.179  1.00 12.40 ? 17  CYS C O   1 
ATOM   413 C CB  . CYS B 1 19 ? -5.509  -3.791  -2.484  1.00 12.35 ? 17  CYS C CB  1 
ATOM   414 S SG  . CYS B 1 19 ? -4.174  -4.983  -2.203  1.00 13.04 ? 17  CYS C SG  1 
ATOM   415 N N   . LYS B 1 20 ? -7.977  -2.568  -4.234  1.00 13.17 ? 18  LYS C N   1 
ATOM   416 C CA  . LYS B 1 20 ? -9.089  -1.589  -4.312  1.00 14.72 ? 18  LYS C CA  1 
ATOM   417 C C   . LYS B 1 20 ? -10.430 -2.329  -4.315  1.00 15.36 ? 18  LYS C C   1 
ATOM   418 O O   . LYS B 1 20 ? -11.305 -1.992  -3.571  1.00 15.80 ? 18  LYS C O   1 
ATOM   419 C CB  . LYS B 1 20 ? -8.977  -0.731  -5.553  1.00 16.75 ? 18  LYS C CB  1 
ATOM   420 C CG  . LYS B 1 20 ? -10.062 0.372   -5.683  1.00 19.24 ? 18  LYS C CG  1 
ATOM   421 C CD  . LYS B 1 20 ? -9.832  1.511   -4.686  1.00 22.53 ? 18  LYS C CD  1 
ATOM   422 C CE  . LYS B 1 20 ? -10.854 2.637   -4.829  1.00 25.31 ? 18  LYS C CE  1 
ATOM   423 N NZ  . LYS B 1 20 ? -11.025 3.370   -3.509  1.00 26.27 ? 18  LYS C NZ  1 
ATOM   424 N N   . LYS B 1 21 ? -10.547 -3.330  -5.176  1.00 13.40 ? 19  LYS C N   1 
ATOM   425 C CA  . LYS B 1 21 ? -11.752 -4.157  -5.248  1.00 16.64 ? 19  LYS C CA  1 
ATOM   426 C C   . LYS B 1 21 ? -12.066 -4.755  -3.921  1.00 15.90 ? 19  LYS C C   1 
ATOM   427 O O   . LYS B 1 21 ? -13.254 -4.835  -3.532  1.00 15.47 ? 19  LYS C O   1 
ATOM   428 C CB  . LYS B 1 21 ? -11.582 -5.307  -6.249  1.00 17.25 ? 19  LYS C CB  1 
ATOM   429 C CG  . LYS B 1 21 ? -11.356 -4.922  -7.728  1.00 18.79 ? 19  LYS C CG  1 
ATOM   430 C CD  . LYS B 1 21 ? -11.097 -6.212  -8.521  1.00 19.81 ? 19  LYS C CD  1 
ATOM   431 C CE  . LYS B 1 21 ? -10.839 -6.034  -10.031 1.00 26.22 ? 19  LYS C CE  1 
ATOM   432 N NZ  . LYS B 1 21 ? -10.057 -4.842  -10.360 1.00 23.91 ? 19  LYS C NZ  1 
ATOM   433 N N   . LEU B 1 22 ? -11.038 -5.245  -3.218  1.00 13.51 ? 20  LEU C N   1 
ATOM   434 C CA  . LEU B 1 22 ? -11.267 -6.023  -2.008  1.00 15.07 ? 20  LEU C CA  1 
ATOM   435 C C   . LEU B 1 22 ? -11.451 -5.185  -0.705  1.00 18.30 ? 20  LEU C C   1 
ATOM   436 O O   . LEU B 1 22 ? -12.420 -5.399  0.030   1.00 17.07 ? 20  LEU C O   1 
ATOM   437 C CB  . LEU B 1 22 ? -10.170 -7.071  -1.823  1.00 14.92 ? 20  LEU C CB  1 
ATOM   438 C CG  . LEU B 1 22 ? -10.251 -8.198  -2.893  1.00 15.74 ? 20  LEU C CG  1 
ATOM   439 C CD1 . LEU B 1 22 ? -9.017  -9.051  -2.825  1.00 19.08 ? 20  LEU C CD1 1 
ATOM   440 C CD2 . LEU B 1 22 ? -11.514 -9.043  -2.755  1.00 15.97 ? 20  LEU C CD2 1 
ATOM   441 N N   . VAL B 1 23 ? -10.490 -4.329  -0.382  1.00 16.14 ? 21  VAL C N   1 
ATOM   442 C CA  . VAL B 1 23 ? -10.543 -3.587  0.854   1.00 17.62 ? 21  VAL C CA  1 
ATOM   443 C C   . VAL B 1 23 ? -10.892 -2.112  0.639   1.00 18.87 ? 21  VAL C C   1 
ATOM   444 O O   . VAL B 1 23 ? -10.823 -1.341  1.550   1.00 23.53 ? 21  VAL C O   1 
ATOM   445 C CB  . VAL B 1 23 ? -9.244  -3.712  1.660   1.00 17.44 ? 21  VAL C CB  1 
ATOM   446 C CG1 . VAL B 1 23 ? -8.971  -5.156  1.975   1.00 20.34 ? 21  VAL C CG1 1 
ATOM   447 C CG2 . VAL B 1 23 ? -8.076  -3.085  0.943   1.00 19.68 ? 21  VAL C CG2 1 
ATOM   448 N N   . GLY B 1 24 ? -11.247 -1.735  -0.577  1.00 19.09 ? 22  GLY C N   1 
ATOM   449 C CA  . GLY B 1 24 ? -11.760 -0.411  -0.820  1.00 22.72 ? 22  GLY C CA  1 
ATOM   450 C C   . GLY B 1 24 ? -10.670 0.658   -0.939  1.00 22.07 ? 22  GLY C C   1 
ATOM   451 O O   . GLY B 1 24 ? -10.984 1.867   -0.998  1.00 23.59 ? 22  GLY C O   1 
ATOM   452 N N   . LYS B 1 25 ? -9.393  0.229   -0.956  1.00 19.85 ? 23  LYS C N   1 
ATOM   453 C CA  . LYS B 1 25 ? -8.215  1.170   -0.997  1.00 19.42 ? 23  LYS C CA  1 
ATOM   454 C C   . LYS B 1 25 ? -7.215  0.633   -2.032  1.00 18.74 ? 23  LYS C C   1 
ATOM   455 O O   . LYS B 1 25 ? -6.883  -0.554  -2.020  1.00 16.18 ? 23  LYS C O   1 
ATOM   456 C CB  . LYS B 1 25 ? -7.494  1.237   0.343   1.00 22.38 ? 23  LYS C CB  1 
ATOM   457 C CG  . LYS B 1 25 ? -8.341  1.521   1.567   1.00 27.94 ? 23  LYS C CG  1 
ATOM   458 C CD  . LYS B 1 25 ? -8.391  2.956   1.901   1.00 32.73 ? 23  LYS C CD  1 
ATOM   459 C CE  . LYS B 1 25 ? -8.836  3.158   3.363   1.00 40.37 ? 23  LYS C CE  1 
ATOM   460 N NZ  . LYS B 1 25 ? -9.616  4.410   3.553   1.00 38.84 ? 23  LYS C NZ  1 
ATOM   461 N N   . ALA B 1 26 ? -6.736  1.515   -2.904  1.00 17.05 ? 24  ALA C N   1 
ATOM   462 C CA  . ALA B 1 26 ? -5.663  1.221   -3.793  1.00 13.33 ? 24  ALA C CA  1 
ATOM   463 C C   . ALA B 1 26 ? -4.326  1.184   -3.014  1.00 15.08 ? 24  ALA C C   1 
ATOM   464 O O   . ALA B 1 26 ? -3.449  2.042   -3.172  1.00 15.75 ? 24  ALA C O   1 
ATOM   465 C CB  . ALA B 1 26 ? -5.610  2.241   -4.879  1.00 15.56 ? 24  ALA C CB  1 
ATOM   466 N N   . THR B 1 27 ? -4.153  0.144   -2.247  1.00 15.79 ? 25  THR C N   1 
ATOM   467 C CA  . THR B 1 27 ? -2.984  -0.044  -1.467  1.00 16.49 ? 25  THR C CA  1 
ATOM   468 C C   . THR B 1 27 ? -2.363  -1.438  -1.797  1.00 16.14 ? 25  THR C C   1 
ATOM   469 O O   . THR B 1 27 ? -2.754  -2.078  -2.768  1.00 14.24 ? 25  THR C O   1 
ATOM   470 C CB  . THR B 1 27 ? -3.328  0.088   -0.003  1.00 19.22 ? 25  THR C CB  1 
ATOM   471 O OG1 . THR B 1 27 ? -2.125  0.082   0.772   1.00 18.10 ? 25  THR C OG1 1 
ATOM   472 C CG2 . THR B 1 27 ? -4.307  -1.040  0.455   1.00 18.37 ? 25  THR C CG2 1 
ATOM   473 N N   . GLY B 1 28 ? -1.389  -1.849  -1.023  1.00 15.08 ? 26  GLY C N   1 
ATOM   474 C CA  . GLY B 1 28 ? -0.846  -3.186  -1.146  1.00 17.06 ? 26  GLY C CA  1 
ATOM   475 C C   . GLY B 1 28 ? 0.646   -3.284  -0.845  1.00 14.79 ? 26  GLY C C   1 
ATOM   476 O O   . GLY B 1 28 ? 1.417   -2.347  -1.062  1.00 14.17 ? 26  GLY C O   1 
ATOM   477 N N   . LYS B 1 29 ? 1.024   -4.441  -0.368  1.00 14.05 ? 27  LYS C N   1 
ATOM   478 C CA  . LYS B 1 29 ? 2.384   -4.812  -0.174  1.00 14.36 ? 27  LYS C CA  1 
ATOM   479 C C   . LYS B 1 29 ? 2.588   -6.151  -0.894  1.00 13.97 ? 27  LYS C C   1 
ATOM   480 O O   . LYS B 1 29 ? 1.849   -7.114  -0.630  1.00 13.23 ? 27  LYS C O   1 
ATOM   481 C CB  . LYS B 1 29 ? 2.649   -4.975  1.310   1.00 16.85 ? 27  LYS C CB  1 
ATOM   482 C CG  . LYS B 1 29 ? 4.011   -5.478  1.661   1.00 20.91 ? 27  LYS C CG  1 
ATOM   483 C CD  . LYS B 1 29 ? 4.208   -5.515  3.195   1.00 27.12 ? 27  LYS C CD  1 
ATOM   484 C CE  . LYS B 1 29 ? 5.679   -5.717  3.546   1.00 38.98 ? 27  LYS C CE  1 
ATOM   485 N NZ  . LYS B 1 29 ? 5.884   -6.379  4.880   1.00 42.58 ? 27  LYS C NZ  1 
ATOM   486 N N   . CYS B 1 30 ? 3.581   -6.232  -1.760  1.00 12.64 ? 28  CYS C N   1 
ATOM   487 C CA  . CYS B 1 30 ? 3.916   -7.495  -2.404  1.00 12.40 ? 28  CYS C CA  1 
ATOM   488 C C   . CYS B 1 30 ? 4.812   -8.346  -1.470  1.00 14.19 ? 28  CYS C C   1 
ATOM   489 O O   . CYS B 1 30 ? 5.883   -7.924  -1.090  1.00 14.51 ? 28  CYS C O   1 
ATOM   490 C CB  . CYS B 1 30 ? 4.603   -7.263  -3.735  1.00 11.60 ? 28  CYS C CB  1 
ATOM   491 S SG  . CYS B 1 30 ? 4.816   -8.790  -4.671  1.00 11.35 ? 28  CYS C SG  1 
ATOM   492 N N   . THR B 1 31 ? 4.358   -9.542  -1.144  1.00 14.68 ? 29  THR C N   1 
ATOM   493 C CA  . THR B 1 31 ? 5.050   -10.395 -0.229  1.00 16.75 ? 29  THR C CA  1 
ATOM   494 C C   . THR B 1 31 ? 4.981   -11.844 -0.699  1.00 14.50 ? 29  THR C C   1 
ATOM   495 O O   . THR B 1 31 ? 3.879   -12.400 -0.844  1.00 13.09 ? 29  THR C O   1 
ATOM   496 C CB  . THR B 1 31 ? 4.439   -10.257 1.216   1.00 19.35 ? 29  THR C CB  1 
ATOM   497 O OG1 . THR B 1 31 ? 5.248   -10.951 2.143   1.00 30.84 ? 29  THR C OG1 1 
ATOM   498 C CG2 . THR B 1 31 ? 3.041   -10.816 1.281   1.00 17.28 ? 29  THR C CG2 1 
ATOM   499 N N   . ASN B 1 32 ? 6.141   -12.466 -0.868  1.00 14.30 ? 30  ASN C N   1 
ATOM   500 C CA  . ASN B 1 32 ? 6.237   -13.865 -1.415  1.00 13.76 ? 30  ASN C CA  1 
ATOM   501 C C   . ASN B 1 32 ? 5.423   -13.977 -2.706  1.00 13.24 ? 30  ASN C C   1 
ATOM   502 O O   . ASN B 1 32 ? 4.702   -14.961 -2.933  1.00 11.86 ? 30  ASN C O   1 
ATOM   503 C CB  . ASN B 1 32 ? 5.750   -14.869 -0.367  1.00 12.50 ? 30  ASN C CB  1 
ATOM   504 C CG  . ASN B 1 32 ? 6.077   -16.320 -0.737  1.00 13.29 ? 30  ASN C CG  1 
ATOM   505 O OD1 . ASN B 1 32 ? 6.961   -16.571 -1.570  1.00 12.47 ? 30  ASN C OD1 1 
ATOM   506 N ND2 . ASN B 1 32 ? 5.412   -17.292 -0.047  1.00 10.22 ? 30  ASN C ND2 1 
ATOM   507 N N   . GLY B 1 33 ? 5.524   -12.940 -3.533  1.00 12.28 ? 31  GLY C N   1 
ATOM   508 C CA  . GLY B 1 33 ? 4.847   -12.901 -4.818  1.00 11.27 ? 31  GLY C CA  1 
ATOM   509 C C   . GLY B 1 33 ? 3.315   -12.895 -4.748  1.00 10.95 ? 31  GLY C C   1 
ATOM   510 O O   . GLY B 1 33 ? 2.658   -13.190 -5.758  1.00 10.14 ? 31  GLY C O   1 
ATOM   511 N N   . ARG B 1 34 ? 2.752   -12.618 -3.550  1.00 8.86  ? 32  ARG C N   1 
ATOM   512 C CA  . ARG B 1 34 ? 1.294   -12.414 -3.386  1.00 9.75  ? 32  ARG C CA  1 
ATOM   513 C C   . ARG B 1 34 ? 0.981   -11.016 -2.837  1.00 10.22 ? 32  ARG C C   1 
ATOM   514 O O   . ARG B 1 34 ? 1.776   -10.432 -2.111  1.00 9.35  ? 32  ARG C O   1 
ATOM   515 C CB  . ARG B 1 34 ? 0.719   -13.429 -2.441  1.00 10.66 ? 32  ARG C CB  1 
ATOM   516 C CG  . ARG B 1 34 ? 0.882   -14.885 -2.884  1.00 11.12 ? 32  ARG C CG  1 
ATOM   517 C CD  . ARG B 1 34 ? -0.058  -15.267 -4.008  1.00 11.96 ? 32  ARG C CD  1 
ATOM   518 N NE  . ARG B 1 34 ? -0.023  -16.710 -4.172  1.00 13.78 ? 32  ARG C NE  1 
ATOM   519 C CZ  . ARG B 1 34 ? -0.628  -17.396 -5.114  1.00 14.97 ? 32  ARG C CZ  1 
ATOM   520 N NH1 . ARG B 1 34 ? -1.430  -16.812 -5.973  1.00 16.08 ? 32  ARG C NH1 1 
ATOM   521 N NH2 . ARG B 1 34 ? -0.506  -18.718 -5.124  1.00 14.69 ? 32  ARG C NH2 1 
ATOM   522 N N   . CYS B 1 35 ? -0.182  -10.496 -3.202  1.00 9.32  ? 33  CYS C N   1 
ATOM   523 C CA  . CYS B 1 35 ? -0.626  -9.220  -2.722  1.00 10.63 ? 33  CYS C CA  1 
ATOM   524 C C   . CYS B 1 35 ? -1.161  -9.325  -1.302  1.00 12.47 ? 33  CYS C C   1 
ATOM   525 O O   . CYS B 1 35 ? -1.965  -10.192 -0.988  1.00 11.99 ? 33  CYS C O   1 
ATOM   526 C CB  . CYS B 1 35 ? -1.665  -8.618  -3.671  1.00 10.70 ? 33  CYS C CB  1 
ATOM   527 S SG  . CYS B 1 35 ? -0.923  -8.155  -5.251  1.00 10.86 ? 33  CYS C SG  1 
ATOM   528 N N   . ASP B 1 36 ? -0.708  -8.415  -0.463  1.00 13.82 ? 34  ASP C N   1 
ATOM   529 C CA  . ASP B 1 36 ? -1.107  -8.346  0.889   1.00 14.55 ? 34  ASP C CA  1 
ATOM   530 C C   . ASP B 1 36 ? -1.801  -7.016  1.047   1.00 16.10 ? 34  ASP C C   1 
ATOM   531 O O   . ASP B 1 36 ? -1.159  -6.007  1.059   1.00 15.87 ? 34  ASP C O   1 
ATOM   532 C CB  . ASP B 1 36 ? 0.177   -8.419  1.775   1.00 16.59 ? 34  ASP C CB  1 
ATOM   533 C CG  . ASP B 1 36 ? -0.117  -8.394  3.310   1.00 19.12 ? 34  ASP C CG  1 
ATOM   534 O OD1 . ASP B 1 36 ? -1.299  -8.357  3.743   1.00 20.46 ? 34  ASP C OD1 1 
ATOM   535 O OD2 . ASP B 1 36 ? 0.884   -8.435  4.050   1.00 24.13 ? 34  ASP C OD2 1 
ATOM   536 N N   . CYS B 1 37 ? -3.128  -7.051  1.187   1.00 15.39 ? 35  CYS C N   1 
ATOM   537 C CA  . CYS B 1 37 ? -3.962  -5.850  1.095   1.00 17.92 ? 35  CYS C CA  1 
ATOM   538 C C   . CYS B 1 37 ? -4.341  -5.383  2.513   1.00 23.08 ? 35  CYS C C   1 
ATOM   539 O O   . CYS B 1 37 ? -4.576  -6.205  3.402   1.00 21.74 ? 35  CYS C O   1 
ATOM   540 C CB  . CYS B 1 37 ? -5.252  -6.141  0.350   1.00 17.36 ? 35  CYS C CB  1 
ATOM   541 S SG  . CYS B 1 37 ? -5.070  -6.586  -1.359  1.00 16.52 ? 35  CYS C SG  1 
ATOM   542 O OXT . CYS B 1 37 ? -4.458  -4.206  2.753   1.00 24.51 ? 35  CYS C OXT 1 
HETATM 543 S S   . SO4 C 2 .  ? -7.561  5.065   -1.888  1.00 19.86 ? 101 SO4 A S   1 
HETATM 544 O O1  . SO4 C 2 .  ? -6.691  6.057   -2.531  1.00 21.49 ? 101 SO4 A O1  1 
HETATM 545 O O2  . SO4 C 2 .  ? -8.513  5.699   -1.010  1.00 23.48 ? 101 SO4 A O2  1 
HETATM 546 O O3  . SO4 C 2 .  ? -8.230  4.304   -3.008  1.00 19.10 ? 101 SO4 A O3  1 
HETATM 547 O O4  . SO4 C 2 .  ? -6.781  4.123   -1.055  1.00 20.67 ? 101 SO4 A O4  1 
HETATM 548 C C1  . CIT D 3 .  ? -4.431  1.877   11.410  1.00 52.30 ? 102 CIT A C1  1 
HETATM 549 O O1  . CIT D 3 .  ? -3.988  2.608   10.478  1.00 56.98 ? 102 CIT A O1  1 
HETATM 550 O O2  . CIT D 3 .  ? -3.887  0.778   11.724  1.00 57.41 ? 102 CIT A O2  1 
HETATM 551 C C2  . CIT D 3 .  ? -5.611  2.345   12.271  1.00 39.97 ? 102 CIT A C2  1 
HETATM 552 C C3  . CIT D 3 .  ? -6.894  2.782   11.528  1.00 38.50 ? 102 CIT A C3  1 
HETATM 553 O O7  . CIT D 3 .  ? -7.032  1.966   10.403  1.00 53.87 ? 102 CIT A O7  1 
HETATM 554 C C4  . CIT D 3 .  ? -8.117  2.493   12.529  1.00 38.81 ? 102 CIT A C4  1 
HETATM 555 C C5  . CIT D 3 .  ? -9.312  3.448   12.653  1.00 41.56 ? 102 CIT A C5  1 
HETATM 556 O O3  . CIT D 3 .  ? -9.243  4.644   12.330  1.00 43.94 ? 102 CIT A O3  1 
HETATM 557 O O4  . CIT D 3 .  ? -10.349 2.985   13.189  1.00 43.68 ? 102 CIT A O4  1 
HETATM 558 C C6  . CIT D 3 .  ? -6.703  4.177   10.943  1.00 46.73 ? 102 CIT A C6  1 
HETATM 559 O O5  . CIT D 3 .  ? -7.660  4.920   10.567  1.00 49.58 ? 102 CIT A O5  1 
HETATM 560 O O6  . CIT D 3 .  ? -5.544  4.514   10.722  1.00 54.76 ? 102 CIT A O6  1 
HETATM 561 S S   . SO4 E 2 .  ? 8.017   -3.105  -3.225  1.00 35.64 ? 101 SO4 C S   1 
HETATM 562 O O1  . SO4 E 2 .  ? 7.224   -3.073  -1.923  1.00 36.56 ? 101 SO4 C O1  1 
HETATM 563 O O2  . SO4 E 2 .  ? 7.177   -2.577  -4.303  1.00 37.96 ? 101 SO4 C O2  1 
HETATM 564 O O3  . SO4 E 2 .  ? 8.416   -4.478  -3.572  1.00 54.57 ? 101 SO4 C O3  1 
HETATM 565 O O4  . SO4 E 2 .  ? 9.215   -2.221  -3.068  1.00 44.81 ? 101 SO4 C O4  1 
HETATM 566 S S   . SO4 F 2 .  ? 0.124   -19.808 -8.868  1.00 67.45 ? 102 SO4 C S   1 
HETATM 567 O O1  . SO4 F 2 .  ? 0.040   -18.305 -9.092  1.00 51.98 ? 102 SO4 C O1  1 
HETATM 568 O O2  . SO4 F 2 .  ? -0.989  -20.240 -7.963  1.00 63.12 ? 102 SO4 C O2  1 
HETATM 569 O O3  . SO4 F 2 .  ? 0.016   -20.483 -10.198 1.00 80.30 ? 102 SO4 C O3  1 
HETATM 570 O O4  . SO4 F 2 .  ? 1.432   -20.215 -8.257  1.00 63.37 ? 102 SO4 C O4  1 
HETATM 571 O O   . HOH G 4 .  ? 8.959   0.758   9.936   1.00 35.74 ? 201 HOH A O   1 
HETATM 572 O O   . HOH G 4 .  ? 2.909   -0.600  15.473  1.00 29.14 ? 202 HOH A O   1 
HETATM 573 O O   . HOH G 4 .  ? -7.350  5.624   1.967   1.00 23.98 ? 203 HOH A O   1 
HETATM 574 O O   . HOH G 4 .  ? -7.706  16.227  5.068   1.00 32.32 ? 204 HOH A O   1 
HETATM 575 O O   . HOH G 4 .  ? -7.987  10.014  9.462   1.00 13.51 ? 205 HOH A O   1 
HETATM 576 O O   . HOH G 4 .  ? -0.014  3.037   14.966  1.00 29.07 ? 206 HOH A O   1 
HETATM 577 O O   . HOH G 4 .  ? -1.431  2.004   6.997   1.00 30.04 ? 207 HOH A O   1 
HETATM 578 O O   . HOH G 4 .  ? 5.211   9.269   -1.628  1.00 10.82 ? 208 HOH A O   1 
HETATM 579 O O   . HOH G 4 .  ? -4.221  17.083  7.049   1.00 12.73 ? 209 HOH A O   1 
HETATM 580 O O   . HOH G 4 .  ? 7.630   15.433  -0.142  1.00 29.16 ? 210 HOH A O   1 
HETATM 581 O O   . HOH G 4 .  ? 1.616   7.384   13.387  1.00 28.37 ? 211 HOH A O   1 
HETATM 582 O O   . HOH G 4 .  ? 2.840   -0.323  4.358   1.00 19.41 ? 212 HOH A O   1 
HETATM 583 O O   . HOH G 4 .  ? -7.741  18.179  7.946   1.00 20.06 ? 213 HOH A O   1 
HETATM 584 O O   . HOH G 4 .  ? -0.057  8.182   -7.348  1.00 22.32 ? 214 HOH A O   1 
HETATM 585 O O   . HOH G 4 .  ? 13.401  1.088   1.142   1.00 29.35 ? 215 HOH A O   1 
HETATM 586 O O   . HOH G 4 .  ? 6.945   -2.325  9.794   1.00 41.30 ? 216 HOH A O   1 
HETATM 587 O O   . HOH G 4 .  ? 4.248   17.150  3.373   1.00 25.37 ? 217 HOH A O   1 
HETATM 588 O O   . HOH G 4 .  ? -8.317  11.731  -0.152  1.00 45.13 ? 218 HOH A O   1 
HETATM 589 O O   . HOH G 4 .  ? -7.415  8.395   -0.223  1.00 24.39 ? 219 HOH A O   1 
HETATM 590 O O   . HOH G 4 .  ? -6.587  13.302  0.761   1.00 30.59 ? 220 HOH A O   1 
HETATM 591 O O   . HOH G 4 .  ? 4.260   7.324   -4.624  1.00 11.98 ? 221 HOH A O   1 
HETATM 592 O O   . HOH G 4 .  ? 7.092   13.567  -3.171  1.00 28.23 ? 222 HOH A O   1 
HETATM 593 O O   . HOH G 4 .  ? -7.411  11.840  2.801   1.00 19.44 ? 223 HOH A O   1 
HETATM 594 O O   . HOH G 4 .  ? 1.207   -1.072  2.170   1.00 17.27 ? 224 HOH A O   1 
HETATM 595 O O   . HOH G 4 .  ? 2.615   4.403   -6.753  1.00 27.93 ? 225 HOH A O   1 
HETATM 596 O O   . HOH G 4 .  ? -8.552  9.588   1.996   1.00 29.75 ? 226 HOH A O   1 
HETATM 597 O O   . HOH G 4 .  ? -9.722  10.811  5.057   1.00 26.43 ? 227 HOH A O   1 
HETATM 598 O O   . HOH G 4 .  ? -9.468  5.044   7.182   1.00 41.73 ? 228 HOH A O   1 
HETATM 599 O O   . HOH G 4 .  ? 2.968   -2.646  6.099   1.00 31.92 ? 229 HOH A O   1 
HETATM 600 O O   . HOH G 4 .  ? 2.871   9.615   13.701  1.00 44.12 ? 230 HOH A O   1 
HETATM 601 O O   . HOH G 4 .  ? 13.062  8.507   -4.235  1.00 37.04 ? 231 HOH A O   1 
HETATM 602 O O   . HOH G 4 .  ? 11.511  6.455   -5.164  1.00 36.88 ? 232 HOH A O   1 
HETATM 603 O O   . HOH G 4 .  ? 8.503   10.933  -5.895  1.00 33.95 ? 233 HOH A O   1 
HETATM 604 O O   . HOH G 4 .  ? -4.337  6.775   -7.698  1.00 41.46 ? 234 HOH A O   1 
HETATM 605 O O   . HOH G 4 .  ? 10.978  2.541   10.562  1.00 30.01 ? 235 HOH A O   1 
HETATM 606 O O   . HOH G 4 .  ? 5.412   -1.644  15.911  1.00 28.75 ? 236 HOH A O   1 
HETATM 607 O O   . HOH H 4 .  ? 8.135   -6.826  -4.019  1.00 28.48 ? 201 HOH C O   1 
HETATM 608 O O   . HOH H 4 .  ? 3.374   -2.023  -11.029 1.00 34.13 ? 202 HOH C O   1 
HETATM 609 O O   . HOH H 4 .  ? -2.092  -17.584 -10.564 1.00 54.11 ? 203 HOH C O   1 
HETATM 610 O O   . HOH H 4 .  ? 7.068   -5.522  -0.738  1.00 33.41 ? 204 HOH C O   1 
HETATM 611 O O   . HOH H 4 .  ? -3.358  -15.255 -9.187  1.00 29.08 ? 205 HOH C O   1 
HETATM 612 O O   . HOH H 4 .  ? -3.902  -5.683  -8.908  1.00 10.30 ? 206 HOH C O   1 
HETATM 613 O O   . HOH H 4 .  ? 6.371   -13.298 2.998   1.00 16.04 ? 207 HOH C O   1 
HETATM 614 O O   . HOH H 4 .  ? -12.430 -6.605  2.528   1.00 26.18 ? 208 HOH C O   1 
HETATM 615 O O   . HOH H 4 .  ? 8.520   -1.869  0.226   1.00 30.34 ? 209 HOH C O   1 
HETATM 616 O O   . HOH H 4 .  ? 15.190  -5.743  -9.928  1.00 16.50 ? 210 HOH C O   1 
HETATM 617 O O   . HOH H 4 .  ? -13.605 -0.442  -3.869  1.00 31.98 ? 211 HOH C O   1 
HETATM 618 O O   . HOH H 4 .  ? -3.206  -18.632 -7.423  1.00 30.96 ? 212 HOH C O   1 
HETATM 619 O O   . HOH H 4 .  ? -0.271  0.418   -10.273 1.00 29.71 ? 213 HOH C O   1 
HETATM 620 O O   . HOH H 4 .  ? 3.956   -17.526 -3.813  1.00 31.71 ? 214 HOH C O   1 
HETATM 621 O O   . HOH H 4 .  ? 7.675   -11.048 -3.506  1.00 23.19 ? 215 HOH C O   1 
HETATM 622 O O   . HOH H 4 .  ? -7.614  -14.421 0.772   1.00 22.08 ? 216 HOH C O   1 
HETATM 623 O O   . HOH H 4 .  ? -7.788  -6.597  -10.147 1.00 25.09 ? 217 HOH C O   1 
HETATM 624 O O   . HOH H 4 .  ? 11.118  -1.014  -1.277  1.00 39.57 ? 218 HOH C O   1 
HETATM 625 O O   . HOH H 4 .  ? 7.587   -11.070 -6.177  1.00 27.35 ? 219 HOH C O   1 
HETATM 626 O O   . HOH H 4 .  ? -4.488  -13.630 4.761   1.00 26.71 ? 220 HOH C O   1 
HETATM 627 O O   . HOH H 4 .  ? -10.191 -1.999  -8.954  1.00 25.56 ? 221 HOH C O   1 
HETATM 628 O O   . HOH H 4 .  ? 8.298   -8.918  -2.529  1.00 35.46 ? 222 HOH C O   1 
HETATM 629 O O   . HOH H 4 .  ? 8.772   -11.267 -0.036  1.00 25.36 ? 223 HOH C O   1 
HETATM 630 O O   . HOH H 4 .  ? -12.376 0.957   2.743   1.00 38.48 ? 224 HOH C O   1 
HETATM 631 O O   . HOH H 4 .  ? 6.196   3.477   -8.992  1.00 38.81 ? 225 HOH C O   1 
HETATM 632 O O   . HOH H 4 .  ? -2.649  -2.430  -9.949  1.00 17.74 ? 226 HOH C O   1 
HETATM 633 O O   . HOH H 4 .  ? -0.954  -3.220  2.295   1.00 36.49 ? 227 HOH C O   1 
HETATM 634 O O   . HOH H 4 .  ? -9.372  -3.078  -12.776 1.00 39.28 ? 228 HOH C O   1 
HETATM 635 O O   . HOH H 4 .  ? -6.486  -7.449  10.325  1.00 38.49 ? 229 HOH C O   1 
HETATM 636 O O   . HOH H 4 .  ? 0.689   -4.656  4.680   1.00 49.96 ? 230 HOH C O   1 
HETATM 637 O O   . HOH H 4 .  ? 12.678  -3.106  -10.811 1.00 25.91 ? 231 HOH C O   1 
# 
